data_8D2X
#
_entry.id   8D2X
#
loop_
_entity.id
_entity.type
_entity.pdbx_description
1 polymer 'Sodium-dependent lysophosphatidylcholine symporter 1-B'
2 polymer 'FAB light chain'
3 polymer 'FAB heavy chain'
4 non-polymer '[(2~{R})-2-oxidanyl-3-[oxidanyl-[2-(trimethyl-$l^{4}-azanyl)ethoxy]phosphoryl]oxy-propyl] (9~{Z},12~{Z},15~{Z})-octadeca-9,12,15-trienoate'
5 non-polymer DODECYL-BETA-D-MALTOSIDE
6 water water
#
loop_
_entity_poly.entity_id
_entity_poly.type
_entity_poly.pdbx_seq_one_letter_code
_entity_poly.pdbx_strand_id
1 'polypeptide(L)'
;MHHHHHHHHHHENLYFQGGSDEVKLAKHETKSRLSVCSKLCYAIGGAPYQITGCAIGFFLQIYLLDVALLDPFYASIILF
VGRAWDAVTDPTVGFLVSRTPWTRFGRMMPWIVLSTPFAVLCYFLIWYVPSVDQGKVVWYLIFYCCFQTLQTCFHVPYSA
LTMFISTEQKERDSATAYRMTVEVLGTLIGTAIQGQIVGMANAPCISTEIDLQSTGLEVAPDVQITDPHVSLQDLRNAYM
IASGVICAIYVVCAVVLFLGVKEQKDTCRVRTEPMSFFQGICMVMGHGPYAKLVMGFLFTSLAFMLLEGNFALFCIYNLG
FRNDFQNVLLVIMLSATLAIPFWQWFLTKFGKKTAVYIGTTSVVPFLISVVLVPSSLAVTYIASFAAGVSVAAAFLLPWS
MLPDVVDDFKVQNPESQGHEAIFYSFYVFFTKFASGVSLGVSTLSLDFAGYVTRGCTQPGEVKLTLKILVSAAPIVLIII
GLLIFISYPINEEKRQGNRKLLNEQREQ
;
A
2 'polypeptide(L)'
;ALDINSPEAEKNAKGARARITCNAGNQVGSAVAWFNQRPGDPASLLTYWAATEKGVAGKQSAQGASTKFSMSSAGPEAPS
LSSYWCLLFEKGAFSFGGSKLNPREGAGPQASILPPSADLNTSGGAAVVCFLPNWYGNITVQWKTEAPQSQANMSWPGQA
GANAAYAMAAVLAITKGDYGPGSFTCNASNRGTGPFAMSLN
;
B
3 'polypeptide(L)'
;ASKLELSGPAEPRGSKSAQITCKAKGFPEARFWVFWLFQRAAALDWPAANFSGGPVQFESRFQGNASLKGSQAQANAELN
IGALGSSTATYRCGWKLANGGFFPSWGGANVNGAAGAKAPAVYPVEISGAGTGSVTLGCLVKGYNAKPNLTWPGASGALT
FPSELNGALWNLASAVTGSGFPSATCAVGFGAATDVDKKVAAA
;
C
#
loop_
_chem_comp.id
_chem_comp.type
_chem_comp.name
_chem_comp.formula
LMT D-saccharide DODECYL-BETA-D-MALTOSIDE 'C24 H46 O11'
ZGS non-polymer '[(2~{R})-2-oxidanyl-3-[oxidanyl-[2-(trimethyl-$l^{4}-azanyl)ethoxy]phosphoryl]oxy-propyl] (9~{Z},12~{Z},15~{Z})-octadeca-9,12,15-trienoate' 'C26 H49 N O7 P 1'
#
# COMPACT_ATOMS: atom_id res chain seq x y z
N SER A 32 -55.34 14.91 -21.65
CA SER A 32 -54.30 15.50 -20.82
C SER A 32 -53.55 14.43 -20.04
N ARG A 33 -52.91 13.52 -20.77
CA ARG A 33 -52.13 12.43 -20.19
C ARG A 33 -50.64 12.70 -20.40
N LEU A 34 -49.83 11.73 -19.96
CA LEU A 34 -48.39 11.82 -20.19
C LEU A 34 -48.07 11.52 -21.65
N SER A 35 -47.26 12.38 -22.25
CA SER A 35 -46.74 12.08 -23.57
C SER A 35 -45.69 10.98 -23.49
N VAL A 36 -45.47 10.30 -24.62
CA VAL A 36 -44.44 9.28 -24.66
C VAL A 36 -43.05 9.89 -24.57
N CYS A 37 -42.89 11.14 -25.05
CA CYS A 37 -41.61 11.82 -24.92
C CYS A 37 -41.33 12.20 -23.47
N SER A 38 -42.38 12.60 -22.73
CA SER A 38 -42.19 12.92 -21.31
C SER A 38 -41.83 11.68 -20.50
N LYS A 39 -42.48 10.54 -20.77
CA LYS A 39 -42.13 9.30 -20.11
C LYS A 39 -40.73 8.84 -20.49
N LEU A 40 -40.34 9.05 -21.75
CA LEU A 40 -39.00 8.69 -22.19
C LEU A 40 -37.94 9.56 -21.52
N CYS A 41 -38.22 10.86 -21.36
CA CYS A 41 -37.29 11.75 -20.66
C CYS A 41 -37.18 11.40 -19.18
N TYR A 42 -38.31 11.06 -18.55
CA TYR A 42 -38.29 10.61 -17.16
C TYR A 42 -37.50 9.31 -17.01
N ALA A 43 -37.64 8.40 -17.97
CA ALA A 43 -36.89 7.15 -17.93
C ALA A 43 -35.40 7.38 -18.16
N ILE A 44 -35.05 8.31 -19.05
CA ILE A 44 -33.66 8.64 -19.32
C ILE A 44 -33.01 9.26 -18.08
N GLY A 45 -33.78 10.05 -17.32
CA GLY A 45 -33.27 10.65 -16.09
C GLY A 45 -32.83 9.65 -15.03
N GLY A 46 -33.32 8.42 -15.07
CA GLY A 46 -32.92 7.38 -14.15
C GLY A 46 -31.77 6.51 -14.59
N ALA A 47 -31.13 6.82 -15.70
CA ALA A 47 -29.93 6.13 -16.15
C ALA A 47 -28.65 6.48 -15.38
N PRO A 48 -28.37 7.74 -14.98
CA PRO A 48 -27.13 7.99 -14.21
C PRO A 48 -27.02 7.24 -12.91
N TYR A 49 -28.13 7.00 -12.21
CA TYR A 49 -28.09 6.23 -10.97
C TYR A 49 -27.58 4.82 -11.20
N GLN A 50 -28.09 4.16 -12.24
CA GLN A 50 -27.65 2.80 -12.54
C GLN A 50 -26.24 2.76 -13.10
N ILE A 51 -25.87 3.75 -13.93
CA ILE A 51 -24.53 3.78 -14.51
C ILE A 51 -23.48 3.96 -13.42
N THR A 52 -23.71 4.92 -12.51
CA THR A 52 -22.78 5.15 -11.41
C THR A 52 -22.79 3.99 -10.42
N GLY A 53 -23.97 3.39 -10.20
CA GLY A 53 -24.05 2.23 -9.32
C GLY A 53 -23.26 1.05 -9.84
N CYS A 54 -23.38 0.76 -11.13
CA CYS A 54 -22.64 -0.36 -11.70
C CYS A 54 -21.15 -0.07 -11.75
N ALA A 55 -20.76 1.19 -12.02
CA ALA A 55 -19.35 1.56 -12.01
C ALA A 55 -18.74 1.40 -10.63
N ILE A 56 -19.40 1.92 -9.59
CA ILE A 56 -18.85 1.90 -8.23
C ILE A 56 -19.31 0.62 -7.53
N GLY A 57 -19.89 -0.31 -8.28
CA GLY A 57 -20.06 -1.63 -7.73
C GLY A 57 -19.06 -2.60 -8.30
N PHE A 58 -18.81 -2.50 -9.61
CA PHE A 58 -17.90 -3.44 -10.24
C PHE A 58 -16.44 -3.02 -10.07
N PHE A 59 -16.13 -1.72 -10.23
CA PHE A 59 -14.76 -1.31 -10.44
C PHE A 59 -14.13 -0.52 -9.31
N LEU A 60 -14.89 -0.10 -8.30
CA LEU A 60 -14.28 0.64 -7.19
C LEU A 60 -13.28 -0.22 -6.41
N GLN A 61 -13.59 -1.49 -6.22
CA GLN A 61 -12.66 -2.36 -5.49
C GLN A 61 -11.39 -2.61 -6.28
N ILE A 62 -11.47 -2.65 -7.62
CA ILE A 62 -10.27 -2.73 -8.43
C ILE A 62 -9.49 -1.43 -8.34
N TYR A 63 -10.19 -0.30 -8.45
CA TYR A 63 -9.54 1.00 -8.51
C TYR A 63 -8.82 1.34 -7.20
N LEU A 64 -9.45 1.07 -6.06
CA LEU A 64 -8.83 1.40 -4.79
C LEU A 64 -7.65 0.48 -4.49
N LEU A 65 -7.80 -0.81 -4.75
CA LEU A 65 -6.75 -1.77 -4.41
C LEU A 65 -5.57 -1.68 -5.35
N ASP A 66 -5.82 -1.51 -6.65
CA ASP A 66 -4.78 -1.61 -7.67
C ASP A 66 -4.41 -0.27 -8.29
N VAL A 67 -5.39 0.57 -8.62
CA VAL A 67 -5.09 1.82 -9.30
C VAL A 67 -4.83 2.98 -8.33
N ALA A 68 -5.47 2.98 -7.16
CA ALA A 68 -5.22 4.02 -6.17
C ALA A 68 -4.14 3.65 -5.18
N LEU A 69 -3.67 2.40 -5.21
CA LEU A 69 -2.55 1.90 -4.40
C LEU A 69 -2.82 2.07 -2.90
N LEU A 70 -3.97 1.57 -2.46
CA LEU A 70 -4.38 1.65 -1.07
C LEU A 70 -4.20 0.32 -0.38
N ASP A 71 -3.90 0.37 0.91
CA ASP A 71 -3.93 -0.83 1.73
C ASP A 71 -5.37 -1.34 1.78
N PRO A 72 -5.59 -2.66 1.66
CA PRO A 72 -6.97 -3.18 1.65
C PRO A 72 -7.73 -2.97 2.95
N PHE A 73 -7.06 -2.68 4.06
CA PHE A 73 -7.77 -2.22 5.25
C PHE A 73 -8.45 -0.89 4.99
N TYR A 74 -7.73 0.05 4.37
CA TYR A 74 -8.28 1.37 4.08
C TYR A 74 -9.35 1.28 3.00
N ALA A 75 -9.14 0.43 2.00
CA ALA A 75 -10.17 0.23 0.98
C ALA A 75 -11.41 -0.44 1.58
N SER A 76 -11.22 -1.34 2.55
CA SER A 76 -12.34 -1.95 3.26
C SER A 76 -13.15 -0.90 4.00
N ILE A 77 -12.46 0.01 4.70
CA ILE A 77 -13.10 1.11 5.40
C ILE A 77 -13.88 2.00 4.42
N ILE A 78 -13.26 2.31 3.27
CA ILE A 78 -13.87 3.20 2.29
C ILE A 78 -15.13 2.57 1.70
N LEU A 79 -15.06 1.30 1.31
CA LEU A 79 -16.22 0.62 0.73
C LEU A 79 -17.35 0.48 1.73
N PHE A 80 -17.02 0.08 2.96
CA PHE A 80 -18.04 -0.13 3.99
C PHE A 80 -18.73 1.17 4.36
N VAL A 81 -17.97 2.22 4.65
CA VAL A 81 -18.56 3.50 5.04
C VAL A 81 -19.29 4.14 3.86
N GLY A 82 -18.79 3.96 2.65
CA GLY A 82 -19.45 4.51 1.48
C GLY A 82 -20.80 3.88 1.20
N ARG A 83 -20.90 2.56 1.35
N ARG A 83 -20.90 2.56 1.34
CA ARG A 83 -22.17 1.88 1.13
CA ARG A 83 -22.17 1.89 1.13
C ARG A 83 -23.06 1.85 2.37
C ARG A 83 -23.06 1.89 2.36
N ALA A 84 -22.56 2.32 3.52
CA ALA A 84 -23.41 2.44 4.70
C ALA A 84 -23.93 3.85 4.90
N TRP A 85 -23.29 4.85 4.27
CA TRP A 85 -23.79 6.21 4.33
C TRP A 85 -24.91 6.43 3.33
N ASP A 86 -24.94 5.67 2.24
CA ASP A 86 -26.06 5.75 1.31
C ASP A 86 -27.35 5.26 1.96
N ALA A 87 -27.26 4.12 2.66
CA ALA A 87 -28.41 3.58 3.36
C ALA A 87 -28.85 4.49 4.50
N VAL A 88 -27.90 5.14 5.16
CA VAL A 88 -28.23 6.12 6.20
C VAL A 88 -28.93 7.33 5.57
N THR A 89 -28.45 7.80 4.43
CA THR A 89 -29.02 9.00 3.83
C THR A 89 -30.33 8.77 3.10
N ASP A 90 -30.71 7.53 2.80
CA ASP A 90 -31.98 7.30 2.13
C ASP A 90 -33.21 7.77 2.94
N PRO A 91 -33.41 7.37 4.21
CA PRO A 91 -34.61 7.89 4.91
C PRO A 91 -34.50 9.34 5.30
N THR A 92 -33.29 9.86 5.55
CA THR A 92 -33.15 11.26 5.92
C THR A 92 -33.50 12.18 4.75
N VAL A 93 -32.99 11.85 3.56
CA VAL A 93 -33.35 12.62 2.37
C VAL A 93 -34.83 12.42 2.03
N GLY A 94 -35.37 11.20 2.27
CA GLY A 94 -36.80 11.00 2.09
C GLY A 94 -37.66 11.88 3.00
N PHE A 95 -37.25 12.00 4.26
CA PHE A 95 -37.97 12.86 5.20
C PHE A 95 -37.82 14.33 4.84
N LEU A 96 -36.65 14.74 4.37
CA LEU A 96 -36.46 16.13 3.93
C LEU A 96 -37.29 16.44 2.69
N VAL A 97 -37.41 15.47 1.78
CA VAL A 97 -38.22 15.64 0.58
C VAL A 97 -39.70 15.70 0.93
N SER A 98 -40.12 14.91 1.92
CA SER A 98 -41.51 14.96 2.38
C SER A 98 -41.84 16.29 3.03
N ARG A 99 -40.85 17.00 3.56
CA ARG A 99 -41.04 18.32 4.13
C ARG A 99 -40.68 19.45 3.16
N THR A 100 -40.33 19.12 1.91
CA THR A 100 -39.95 20.16 0.96
C THR A 100 -41.19 20.91 0.48
N PRO A 101 -41.21 22.24 0.60
CA PRO A 101 -42.37 23.01 0.14
C PRO A 101 -42.38 23.13 -1.38
N TRP A 102 -43.46 23.71 -1.90
CA TRP A 102 -43.66 23.85 -3.34
C TRP A 102 -42.96 25.11 -3.81
N THR A 103 -41.96 24.94 -4.68
CA THR A 103 -41.23 26.06 -5.24
C THR A 103 -41.85 26.46 -6.58
N ARG A 104 -41.18 27.35 -7.31
CA ARG A 104 -41.67 27.77 -8.62
C ARG A 104 -41.33 26.78 -9.73
N PHE A 105 -40.45 25.81 -9.45
CA PHE A 105 -40.11 24.78 -10.42
C PHE A 105 -40.65 23.41 -10.05
N GLY A 106 -41.17 23.23 -8.84
CA GLY A 106 -41.66 21.97 -8.37
C GLY A 106 -41.09 21.62 -7.02
N ARG A 107 -41.51 20.47 -6.52
CA ARG A 107 -40.98 19.96 -5.25
C ARG A 107 -39.79 19.05 -5.42
N MET A 108 -39.54 18.56 -6.63
CA MET A 108 -38.46 17.61 -6.87
C MET A 108 -37.41 18.14 -7.82
N MET A 109 -37.81 18.95 -8.81
CA MET A 109 -36.84 19.50 -9.76
C MET A 109 -35.77 20.40 -9.16
N PRO A 110 -36.04 21.29 -8.18
CA PRO A 110 -34.91 21.99 -7.54
C PRO A 110 -33.91 21.09 -6.85
N TRP A 111 -34.34 19.97 -6.27
CA TRP A 111 -33.40 19.02 -5.68
C TRP A 111 -32.45 18.45 -6.73
N ILE A 112 -32.99 18.05 -7.88
CA ILE A 112 -32.19 17.46 -8.95
C ILE A 112 -31.25 18.50 -9.55
N VAL A 113 -31.76 19.72 -9.79
CA VAL A 113 -30.96 20.77 -10.41
C VAL A 113 -29.84 21.23 -9.48
N LEU A 114 -30.12 21.32 -8.17
CA LEU A 114 -29.08 21.72 -7.24
C LEU A 114 -28.20 20.56 -6.78
N SER A 115 -28.56 19.32 -7.11
CA SER A 115 -27.73 18.19 -6.72
C SER A 115 -26.80 17.70 -7.81
N THR A 116 -27.20 17.78 -9.09
CA THR A 116 -26.40 17.17 -10.15
C THR A 116 -25.02 17.79 -10.38
N PRO A 117 -24.83 19.13 -10.44
CA PRO A 117 -23.46 19.64 -10.66
C PRO A 117 -22.49 19.35 -9.54
N PHE A 118 -22.96 19.20 -8.31
CA PHE A 118 -22.06 18.78 -7.23
C PHE A 118 -21.87 17.27 -7.23
N ALA A 119 -22.90 16.51 -7.64
CA ALA A 119 -22.77 15.06 -7.71
C ALA A 119 -21.78 14.63 -8.78
N VAL A 120 -21.77 15.30 -9.93
CA VAL A 120 -20.81 14.94 -10.97
C VAL A 120 -19.38 15.32 -10.55
N LEU A 121 -19.23 16.41 -9.80
CA LEU A 121 -17.91 16.80 -9.30
C LEU A 121 -17.39 15.78 -8.28
N CYS A 122 -18.25 15.36 -7.35
CA CYS A 122 -17.85 14.36 -6.37
C CYS A 122 -17.61 13.01 -7.02
N TYR A 123 -18.35 12.67 -8.08
CA TYR A 123 -18.13 11.42 -8.78
C TYR A 123 -16.82 11.43 -9.55
N PHE A 124 -16.46 12.56 -10.15
CA PHE A 124 -15.17 12.66 -10.81
C PHE A 124 -14.03 12.59 -9.80
N LEU A 125 -14.23 13.19 -8.62
CA LEU A 125 -13.19 13.14 -7.61
C LEU A 125 -13.17 11.84 -6.83
N ILE A 126 -14.14 10.94 -7.03
CA ILE A 126 -14.02 9.59 -6.51
C ILE A 126 -12.89 8.84 -7.22
N TRP A 127 -12.87 8.91 -8.56
CA TRP A 127 -11.88 8.20 -9.36
C TRP A 127 -10.65 9.04 -9.64
N TYR A 128 -10.34 10.00 -8.78
CA TYR A 128 -9.14 10.81 -8.89
C TYR A 128 -8.16 10.38 -7.81
N VAL A 129 -6.92 10.13 -8.21
CA VAL A 129 -5.85 9.75 -7.28
C VAL A 129 -5.04 11.01 -6.97
N PRO A 130 -5.16 11.57 -5.77
CA PRO A 130 -4.48 12.83 -5.47
C PRO A 130 -3.02 12.61 -5.11
N SER A 131 -2.29 13.72 -5.02
CA SER A 131 -0.90 13.71 -4.55
C SER A 131 -0.89 14.14 -3.09
N VAL A 132 -1.27 13.21 -2.23
CA VAL A 132 -1.37 13.45 -0.79
C VAL A 132 -0.37 12.53 -0.09
N ASP A 133 0.47 13.12 0.77
CA ASP A 133 1.52 12.36 1.44
C ASP A 133 0.96 11.48 2.56
N GLN A 134 -0.19 11.82 3.11
CA GLN A 134 -0.77 11.04 4.19
C GLN A 134 -2.28 11.18 4.17
N GLY A 135 -2.98 10.05 4.06
CA GLY A 135 -4.42 10.08 4.18
C GLY A 135 -5.17 10.22 2.87
N LYS A 136 -4.90 9.35 1.91
CA LYS A 136 -5.77 9.25 0.74
C LYS A 136 -7.10 8.61 1.10
N VAL A 137 -7.14 7.82 2.18
CA VAL A 137 -8.37 7.21 2.66
C VAL A 137 -9.37 8.27 3.08
N VAL A 138 -8.88 9.38 3.64
CA VAL A 138 -9.75 10.50 4.02
C VAL A 138 -10.35 11.15 2.77
N TRP A 139 -9.55 11.32 1.72
CA TRP A 139 -10.04 11.89 0.47
C TRP A 139 -11.12 11.02 -0.15
N TYR A 140 -10.86 9.72 -0.25
CA TYR A 140 -11.83 8.81 -0.86
C TYR A 140 -13.08 8.68 -0.01
N LEU A 141 -12.93 8.68 1.33
CA LEU A 141 -14.09 8.63 2.22
C LEU A 141 -14.96 9.87 2.07
N ILE A 142 -14.34 11.06 2.07
CA ILE A 142 -15.09 12.30 1.99
C ILE A 142 -15.83 12.40 0.66
N PHE A 143 -15.12 12.13 -0.45
CA PHE A 143 -15.79 12.31 -1.73
C PHE A 143 -16.74 11.18 -2.08
N TYR A 144 -16.48 9.96 -1.59
CA TYR A 144 -17.45 8.88 -1.77
C TYR A 144 -18.72 9.14 -0.97
N CYS A 145 -18.60 9.58 0.29
CA CYS A 145 -19.79 9.86 1.08
C CYS A 145 -20.53 11.08 0.54
N CYS A 146 -19.81 12.08 0.05
CA CYS A 146 -20.45 13.25 -0.57
C CYS A 146 -21.19 12.86 -1.84
N PHE A 147 -20.60 12.00 -2.67
CA PHE A 147 -21.30 11.57 -3.87
C PHE A 147 -22.50 10.68 -3.55
N GLN A 148 -22.39 9.83 -2.53
CA GLN A 148 -23.54 9.01 -2.13
C GLN A 148 -24.67 9.88 -1.60
N THR A 149 -24.33 10.92 -0.83
CA THR A 149 -25.35 11.85 -0.35
C THR A 149 -26.01 12.62 -1.49
N LEU A 150 -25.22 13.09 -2.46
CA LEU A 150 -25.80 13.84 -3.57
C LEU A 150 -26.57 12.94 -4.52
N GLN A 151 -26.14 11.69 -4.69
CA GLN A 151 -26.89 10.76 -5.50
C GLN A 151 -28.18 10.34 -4.82
N THR A 152 -28.18 10.26 -3.49
CA THR A 152 -29.43 10.08 -2.76
C THR A 152 -30.35 11.28 -2.93
N CYS A 153 -29.80 12.49 -2.84
CA CYS A 153 -30.57 13.72 -3.08
C CYS A 153 -31.02 13.87 -4.52
N PHE A 154 -30.45 13.11 -5.44
CA PHE A 154 -30.96 13.05 -6.82
C PHE A 154 -32.03 11.98 -6.99
N HIS A 155 -31.79 10.78 -6.48
CA HIS A 155 -32.66 9.64 -6.77
C HIS A 155 -33.92 9.63 -5.92
N VAL A 156 -33.82 10.06 -4.66
CA VAL A 156 -35.01 10.05 -3.77
C VAL A 156 -36.13 10.97 -4.26
N PRO A 157 -35.86 12.23 -4.67
CA PRO A 157 -36.94 12.98 -5.35
C PRO A 157 -37.36 12.36 -6.67
N TYR A 158 -36.43 11.73 -7.38
CA TYR A 158 -36.74 11.09 -8.65
C TYR A 158 -37.68 9.90 -8.47
N SER A 159 -37.64 9.25 -7.31
CA SER A 159 -38.57 8.16 -7.04
C SER A 159 -39.99 8.67 -6.86
N ALA A 160 -40.17 9.81 -6.17
CA ALA A 160 -41.48 10.39 -5.99
C ALA A 160 -41.95 11.18 -7.20
N LEU A 161 -41.05 11.43 -8.16
CA LEU A 161 -41.44 12.13 -9.38
C LEU A 161 -42.49 11.37 -10.18
N THR A 162 -42.52 10.03 -10.11
CA THR A 162 -43.53 9.29 -10.85
C THR A 162 -44.92 9.44 -10.21
N MET A 163 -44.98 9.72 -8.92
CA MET A 163 -46.25 10.12 -8.32
C MET A 163 -46.59 11.55 -8.65
N PHE A 164 -45.59 12.41 -8.79
CA PHE A 164 -45.84 13.82 -9.05
C PHE A 164 -46.25 14.12 -10.49
N ILE A 165 -45.84 13.29 -11.46
CA ILE A 165 -46.07 13.65 -12.87
C ILE A 165 -47.54 13.52 -13.25
N SER A 166 -48.23 12.51 -12.74
CA SER A 166 -49.59 12.25 -13.19
C SER A 166 -50.40 11.64 -12.06
N THR A 167 -51.73 11.75 -12.20
CA THR A 167 -52.66 11.21 -11.22
C THR A 167 -53.23 9.86 -11.62
N GLU A 168 -53.27 9.53 -12.91
CA GLU A 168 -53.76 8.24 -13.33
C GLU A 168 -52.74 7.15 -13.02
N GLN A 169 -53.22 5.99 -12.59
CA GLN A 169 -52.32 4.90 -12.23
C GLN A 169 -51.69 4.25 -13.46
N LYS A 170 -52.41 4.26 -14.59
CA LYS A 170 -51.88 3.66 -15.82
C LYS A 170 -50.67 4.43 -16.34
N GLU A 171 -50.71 5.77 -16.26
CA GLU A 171 -49.57 6.57 -16.69
C GLU A 171 -48.37 6.36 -15.77
N ARG A 172 -48.61 6.23 -14.47
CA ARG A 172 -47.53 5.94 -13.53
C ARG A 172 -46.93 4.56 -13.80
N ASP A 173 -47.76 3.57 -14.13
CA ASP A 173 -47.25 2.24 -14.44
C ASP A 173 -46.45 2.24 -15.74
N SER A 174 -46.90 3.01 -16.75
CA SER A 174 -46.13 3.13 -17.98
C SER A 174 -44.79 3.82 -17.74
N ALA A 175 -44.79 4.87 -16.92
CA ALA A 175 -43.53 5.55 -16.59
C ALA A 175 -42.60 4.64 -15.80
N THR A 176 -43.17 3.82 -14.91
CA THR A 176 -42.35 2.85 -14.16
C THR A 176 -41.75 1.80 -15.08
N ALA A 177 -42.52 1.31 -16.06
CA ALA A 177 -42.00 0.32 -17.00
C ALA A 177 -40.89 0.90 -17.87
N TYR A 178 -41.08 2.14 -18.35
CA TYR A 178 -40.02 2.83 -19.08
C TYR A 178 -38.79 3.05 -18.23
N ARG A 179 -38.99 3.43 -16.96
CA ARG A 179 -37.88 3.65 -16.04
C ARG A 179 -37.10 2.37 -15.80
N MET A 180 -37.79 1.24 -15.62
N MET A 180 -37.79 1.24 -15.62
CA MET A 180 -37.11 -0.03 -15.40
CA MET A 180 -37.10 -0.03 -15.40
C MET A 180 -36.33 -0.48 -16.64
C MET A 180 -36.33 -0.49 -16.64
N THR A 181 -36.91 -0.27 -17.83
CA THR A 181 -36.23 -0.63 -19.07
C THR A 181 -34.95 0.18 -19.27
N VAL A 182 -35.03 1.49 -19.04
CA VAL A 182 -33.84 2.32 -19.16
C VAL A 182 -32.91 2.10 -17.96
N GLU A 183 -33.39 1.58 -16.83
CA GLU A 183 -32.50 1.21 -15.75
C GLU A 183 -31.66 -0.01 -16.12
N VAL A 184 -32.28 -1.02 -16.74
CA VAL A 184 -31.54 -2.20 -17.20
C VAL A 184 -30.53 -1.81 -18.28
N LEU A 185 -30.99 -1.00 -19.25
CA LEU A 185 -30.09 -0.54 -20.31
C LEU A 185 -28.99 0.38 -19.76
N GLY A 186 -29.27 1.11 -18.68
CA GLY A 186 -28.25 1.95 -18.09
C GLY A 186 -27.20 1.15 -17.35
N THR A 187 -27.62 0.07 -16.68
CA THR A 187 -26.65 -0.85 -16.07
C THR A 187 -25.74 -1.45 -17.12
N LEU A 188 -26.32 -1.91 -18.23
CA LEU A 188 -25.53 -2.48 -19.32
C LEU A 188 -24.60 -1.46 -19.96
N ILE A 189 -25.10 -0.25 -20.20
CA ILE A 189 -24.31 0.80 -20.87
C ILE A 189 -23.18 1.27 -19.97
N GLY A 190 -23.45 1.47 -18.68
CA GLY A 190 -22.41 1.89 -17.76
C GLY A 190 -21.33 0.84 -17.58
N THR A 191 -21.73 -0.43 -17.47
CA THR A 191 -20.74 -1.51 -17.39
C THR A 191 -19.88 -1.57 -18.63
N ALA A 192 -20.51 -1.45 -19.82
CA ALA A 192 -19.76 -1.49 -21.07
C ALA A 192 -18.78 -0.33 -21.19
N ILE A 193 -19.25 0.89 -20.88
CA ILE A 193 -18.42 2.08 -21.05
C ILE A 193 -17.24 2.06 -20.09
N GLN A 194 -17.51 1.84 -18.79
CA GLN A 194 -16.44 1.83 -17.80
C GLN A 194 -15.48 0.68 -18.04
N GLY A 195 -15.99 -0.51 -18.38
CA GLY A 195 -15.13 -1.65 -18.61
C GLY A 195 -14.22 -1.48 -19.81
N GLN A 196 -14.77 -1.01 -20.93
CA GLN A 196 -13.95 -0.84 -22.13
C GLN A 196 -12.92 0.26 -21.96
N ILE A 197 -13.29 1.37 -21.31
CA ILE A 197 -12.32 2.45 -21.16
C ILE A 197 -11.22 2.09 -20.18
N VAL A 198 -11.55 1.50 -19.02
CA VAL A 198 -10.48 1.17 -18.09
C VAL A 198 -9.73 -0.12 -18.47
N GLY A 199 -10.26 -0.93 -19.38
CA GLY A 199 -9.53 -2.08 -19.85
C GLY A 199 -8.74 -1.77 -21.10
N MET A 200 -9.02 -0.63 -21.73
CA MET A 200 -8.27 -0.19 -22.89
C MET A 200 -6.81 0.08 -22.55
N ALA A 201 -6.57 0.82 -21.47
CA ALA A 201 -5.21 1.12 -21.01
C ALA A 201 -4.85 0.15 -19.90
N ASN A 202 -3.91 -0.75 -20.17
CA ASN A 202 -3.41 -1.67 -19.15
C ASN A 202 -2.32 -0.97 -18.33
N ALA A 203 -1.66 -1.71 -17.45
CA ALA A 203 -0.67 -1.14 -16.54
C ALA A 203 0.28 -2.23 -16.12
N PRO A 204 1.41 -1.83 -15.52
CA PRO A 204 2.34 -2.83 -15.01
C PRO A 204 1.92 -3.44 -13.69
N CYS A 205 2.60 -4.50 -13.25
CA CYS A 205 2.24 -5.17 -12.01
C CYS A 205 3.38 -5.17 -11.02
N ILE A 206 3.16 -5.75 -9.84
CA ILE A 206 4.21 -5.83 -8.84
C ILE A 206 4.71 -7.26 -8.70
N SER A 207 5.97 -7.49 -9.06
CA SER A 207 6.54 -8.82 -8.91
C SER A 207 6.97 -9.02 -7.47
N THR A 208 6.52 -10.11 -6.86
CA THR A 208 6.83 -10.36 -5.47
C THR A 208 7.61 -11.67 -5.33
N GLU A 209 7.75 -12.13 -4.10
CA GLU A 209 8.52 -13.31 -3.85
C GLU A 209 7.94 -14.50 -4.57
N ILE A 210 6.64 -14.66 -4.54
CA ILE A 210 5.96 -15.76 -5.22
C ILE A 210 6.48 -15.91 -6.64
N ASP A 211 6.67 -14.79 -7.32
CA ASP A 211 7.11 -14.83 -8.71
C ASP A 211 8.62 -14.76 -8.85
N LEU A 212 9.36 -15.25 -7.87
CA LEU A 212 10.81 -15.35 -7.95
C LEU A 212 11.17 -16.81 -8.20
N GLN A 213 11.14 -17.20 -9.48
CA GLN A 213 11.46 -18.55 -9.96
C GLN A 213 10.63 -19.64 -9.30
N HIS A 229 4.13 0.76 -24.93
CA HIS A 229 4.25 0.57 -23.50
C HIS A 229 3.17 1.34 -22.74
N VAL A 230 2.78 0.81 -21.59
CA VAL A 230 1.76 1.43 -20.75
C VAL A 230 2.32 1.65 -19.35
N SER A 231 1.71 2.57 -18.63
CA SER A 231 2.16 2.94 -17.29
C SER A 231 0.94 3.03 -16.38
N LEU A 232 1.22 3.22 -15.08
CA LEU A 232 0.14 3.39 -14.10
C LEU A 232 -0.59 4.71 -14.30
N GLN A 233 0.12 5.75 -14.72
CA GLN A 233 -0.54 7.02 -15.00
C GLN A 233 -1.48 6.92 -16.19
N ASP A 234 -1.16 6.05 -17.15
CA ASP A 234 -2.09 5.78 -18.25
C ASP A 234 -3.38 5.15 -17.74
N LEU A 235 -3.29 4.23 -16.79
CA LEU A 235 -4.48 3.61 -16.22
C LEU A 235 -5.29 4.60 -15.42
N ARG A 236 -4.62 5.47 -14.66
CA ARG A 236 -5.34 6.50 -13.91
C ARG A 236 -6.02 7.49 -14.84
N ASN A 237 -5.36 7.84 -15.96
CA ASN A 237 -6.00 8.71 -16.93
C ASN A 237 -7.15 8.03 -17.65
N ALA A 238 -7.07 6.71 -17.83
CA ALA A 238 -8.20 5.97 -18.39
C ALA A 238 -9.39 6.00 -17.44
N TYR A 239 -9.14 5.87 -16.14
CA TYR A 239 -10.23 5.98 -15.17
C TYR A 239 -10.81 7.39 -15.14
N MET A 240 -9.96 8.41 -15.27
CA MET A 240 -10.45 9.79 -15.34
C MET A 240 -11.28 10.03 -16.61
N ILE A 241 -10.87 9.44 -17.73
CA ILE A 241 -11.63 9.57 -18.98
C ILE A 241 -12.99 8.89 -18.86
N ALA A 242 -13.03 7.69 -18.28
CA ALA A 242 -14.30 6.99 -18.07
C ALA A 242 -15.22 7.76 -17.14
N SER A 243 -14.66 8.34 -16.07
CA SER A 243 -15.46 9.15 -15.17
C SER A 243 -15.95 10.42 -15.83
N GLY A 244 -15.14 11.02 -16.70
CA GLY A 244 -15.59 12.20 -17.43
C GLY A 244 -16.71 11.89 -18.41
N VAL A 245 -16.64 10.73 -19.07
CA VAL A 245 -17.71 10.30 -19.97
C VAL A 245 -18.99 10.06 -19.19
N ILE A 246 -18.89 9.40 -18.03
CA ILE A 246 -20.07 9.11 -17.23
C ILE A 246 -20.64 10.40 -16.64
N CYS A 247 -19.79 11.37 -16.27
CA CYS A 247 -20.29 12.66 -15.81
C CYS A 247 -20.96 13.45 -16.92
N ALA A 248 -20.46 13.36 -18.15
CA ALA A 248 -21.14 13.97 -19.28
C ALA A 248 -22.51 13.35 -19.50
N ILE A 249 -22.61 12.03 -19.38
CA ILE A 249 -23.90 11.34 -19.48
C ILE A 249 -24.83 11.77 -18.36
N TYR A 250 -24.28 11.88 -17.15
CA TYR A 250 -25.09 12.29 -16.01
C TYR A 250 -25.73 13.63 -16.31
N VAL A 251 -24.89 14.62 -16.62
CA VAL A 251 -25.41 15.95 -16.94
C VAL A 251 -26.45 15.88 -18.04
N VAL A 252 -26.06 15.32 -19.18
CA VAL A 252 -27.00 15.23 -20.31
C VAL A 252 -28.36 14.69 -19.86
N CYS A 253 -28.34 13.60 -19.08
CA CYS A 253 -29.59 13.02 -18.60
C CYS A 253 -30.29 13.92 -17.60
N ALA A 254 -29.53 14.66 -16.79
CA ALA A 254 -30.14 15.63 -15.87
C ALA A 254 -30.84 16.76 -16.63
N VAL A 255 -30.22 17.24 -17.70
CA VAL A 255 -30.83 18.29 -18.53
C VAL A 255 -32.07 17.76 -19.23
N VAL A 256 -32.02 16.51 -19.72
CA VAL A 256 -33.17 15.89 -20.37
C VAL A 256 -34.31 15.71 -19.38
N LEU A 257 -34.01 15.26 -18.16
CA LEU A 257 -35.03 15.11 -17.13
C LEU A 257 -35.63 16.44 -16.72
N PHE A 258 -34.81 17.49 -16.63
CA PHE A 258 -35.33 18.81 -16.26
C PHE A 258 -36.22 19.39 -17.36
N LEU A 259 -35.82 19.24 -18.62
CA LEU A 259 -36.59 19.84 -19.70
C LEU A 259 -37.85 19.06 -20.03
N GLY A 260 -37.80 17.73 -19.95
CA GLY A 260 -38.91 16.93 -20.45
C GLY A 260 -39.99 16.58 -19.46
N VAL A 261 -39.80 16.87 -18.18
CA VAL A 261 -40.69 16.39 -17.12
C VAL A 261 -41.21 17.59 -16.33
N LYS A 262 -42.53 17.69 -16.22
CA LYS A 262 -43.19 18.73 -15.45
C LYS A 262 -43.46 18.21 -14.03
N GLU A 263 -44.28 18.93 -13.26
CA GLU A 263 -44.58 18.53 -11.89
C GLU A 263 -46.07 18.53 -11.55
N GLN A 264 -46.93 19.16 -12.37
CA GLN A 264 -48.39 19.03 -12.38
C GLN A 264 -49.09 19.69 -11.19
N LYS A 265 -48.32 20.12 -10.18
CA LYS A 265 -48.81 20.74 -8.94
C LYS A 265 -49.89 19.88 -8.27
N ASP A 266 -49.50 18.67 -7.88
CA ASP A 266 -50.45 17.71 -7.36
C ASP A 266 -50.91 18.11 -5.96
N THR A 267 -52.23 18.27 -5.79
CA THR A 267 -52.83 18.59 -4.50
C THR A 267 -54.13 17.77 -4.40
N CYS A 268 -54.02 16.57 -3.85
CA CYS A 268 -55.18 15.69 -3.71
C CYS A 268 -54.90 14.70 -2.58
N ARG A 269 -55.98 14.06 -2.11
CA ARG A 269 -55.98 13.07 -1.05
C ARG A 269 -55.32 13.59 0.24
N VAL A 270 -54.46 12.77 0.85
CA VAL A 270 -53.77 13.14 2.07
C VAL A 270 -52.28 12.88 1.89
N ARG A 271 -51.48 13.49 2.77
CA ARG A 271 -50.04 13.36 2.73
C ARG A 271 -49.52 12.32 3.72
N THR A 272 -50.40 11.51 4.29
CA THR A 272 -50.14 10.43 5.24
C THR A 272 -49.48 11.02 6.49
N GLU A 273 -48.70 10.21 7.22
CA GLU A 273 -48.05 10.64 8.45
C GLU A 273 -46.58 10.24 8.39
N PRO A 274 -45.64 11.18 8.41
CA PRO A 274 -44.22 10.80 8.47
C PRO A 274 -43.81 10.21 9.80
N MET A 275 -44.50 10.56 10.89
CA MET A 275 -44.18 10.02 12.20
C MET A 275 -44.58 8.55 12.34
N SER A 276 -45.51 8.08 11.52
CA SER A 276 -45.97 6.69 11.53
C SER A 276 -45.05 5.76 10.75
N PHE A 277 -43.82 6.19 10.42
CA PHE A 277 -42.90 5.36 9.67
C PHE A 277 -42.49 4.12 10.45
N PHE A 278 -42.18 4.29 11.74
CA PHE A 278 -41.79 3.15 12.59
C PHE A 278 -42.96 2.20 12.81
N GLN A 279 -44.16 2.74 12.99
CA GLN A 279 -45.36 1.91 13.14
C GLN A 279 -45.65 1.13 11.86
N GLY A 280 -45.48 1.76 10.70
CA GLY A 280 -45.64 1.05 9.44
C GLY A 280 -44.58 -0.01 9.23
N ILE A 281 -43.35 0.26 9.66
CA ILE A 281 -42.27 -0.73 9.60
C ILE A 281 -42.62 -1.95 10.45
N CYS A 282 -43.12 -1.70 11.66
CA CYS A 282 -43.53 -2.79 12.55
C CYS A 282 -44.71 -3.57 11.98
N MET A 283 -45.67 -2.87 11.37
CA MET A 283 -46.84 -3.53 10.78
C MET A 283 -46.45 -4.38 9.58
N VAL A 284 -45.53 -3.89 8.75
CA VAL A 284 -45.06 -4.67 7.61
C VAL A 284 -44.25 -5.88 8.07
N MET A 285 -43.37 -5.68 9.06
CA MET A 285 -42.57 -6.78 9.58
C MET A 285 -43.41 -7.80 10.34
N GLY A 286 -44.57 -7.41 10.86
CA GLY A 286 -45.46 -8.37 11.49
C GLY A 286 -46.15 -9.31 10.51
N HIS A 287 -46.26 -8.91 9.25
CA HIS A 287 -46.88 -9.77 8.25
C HIS A 287 -45.96 -10.91 7.89
N GLY A 288 -46.54 -12.10 7.69
CA GLY A 288 -45.79 -13.29 7.37
C GLY A 288 -45.14 -13.28 6.00
N PRO A 289 -45.96 -13.31 4.93
CA PRO A 289 -45.40 -13.32 3.56
C PRO A 289 -44.56 -12.11 3.22
N TYR A 290 -44.90 -10.93 3.74
CA TYR A 290 -44.09 -9.73 3.46
C TYR A 290 -42.70 -9.85 4.06
N ALA A 291 -42.62 -10.29 5.32
CA ALA A 291 -41.31 -10.48 5.95
C ALA A 291 -40.53 -11.60 5.28
N LYS A 292 -41.23 -12.65 4.85
CA LYS A 292 -40.56 -13.74 4.14
C LYS A 292 -39.98 -13.28 2.81
N LEU A 293 -40.75 -12.48 2.06
CA LEU A 293 -40.25 -11.93 0.81
C LEU A 293 -39.10 -10.96 1.03
N VAL A 294 -39.19 -10.16 2.10
CA VAL A 294 -38.11 -9.22 2.45
C VAL A 294 -36.83 -9.97 2.75
N MET A 295 -36.90 -11.04 3.55
CA MET A 295 -35.69 -11.76 3.92
C MET A 295 -35.12 -12.54 2.74
N GLY A 296 -35.98 -13.16 1.93
CA GLY A 296 -35.49 -13.89 0.76
C GLY A 296 -34.83 -13.00 -0.27
N PHE A 297 -35.52 -11.93 -0.64
CA PHE A 297 -34.97 -11.00 -1.62
C PHE A 297 -33.68 -10.44 -1.06
N LEU A 298 -33.69 -10.07 0.21
CA LEU A 298 -32.49 -9.52 0.84
C LEU A 298 -31.31 -10.47 0.70
N PHE A 299 -31.42 -11.66 1.28
CA PHE A 299 -30.28 -12.58 1.26
C PHE A 299 -29.82 -12.89 -0.16
N THR A 300 -30.76 -13.04 -1.12
CA THR A 300 -30.36 -13.32 -2.49
C THR A 300 -29.64 -12.14 -3.14
N SER A 301 -30.17 -10.93 -2.95
CA SER A 301 -29.50 -9.74 -3.45
C SER A 301 -28.18 -9.48 -2.73
N LEU A 302 -28.06 -9.90 -1.47
CA LEU A 302 -26.80 -9.77 -0.75
C LEU A 302 -25.74 -10.69 -1.34
N ALA A 303 -26.13 -11.92 -1.67
CA ALA A 303 -25.19 -12.84 -2.33
C ALA A 303 -24.74 -12.28 -3.67
N PHE A 304 -25.67 -11.75 -4.46
CA PHE A 304 -25.27 -11.25 -5.78
C PHE A 304 -24.51 -9.93 -5.69
N MET A 305 -24.75 -9.12 -4.66
CA MET A 305 -23.94 -7.92 -4.48
C MET A 305 -22.55 -8.25 -3.97
N LEU A 306 -22.41 -9.32 -3.18
CA LEU A 306 -21.09 -9.82 -2.81
C LEU A 306 -20.32 -10.31 -4.03
N LEU A 307 -21.00 -11.03 -4.93
CA LEU A 307 -20.37 -11.43 -6.19
C LEU A 307 -19.99 -10.24 -7.05
N GLU A 308 -20.88 -9.25 -7.14
CA GLU A 308 -20.61 -8.05 -7.93
C GLU A 308 -19.41 -7.30 -7.40
N GLY A 309 -19.29 -7.19 -6.07
CA GLY A 309 -18.12 -6.61 -5.45
C GLY A 309 -16.86 -7.38 -5.72
N ASN A 310 -16.75 -8.59 -5.18
CA ASN A 310 -15.52 -9.37 -5.32
C ASN A 310 -15.58 -10.35 -6.49
N PHE A 311 -16.01 -9.92 -7.67
CA PHE A 311 -15.88 -10.76 -8.86
C PHE A 311 -14.80 -10.30 -9.82
N ALA A 312 -14.52 -9.00 -9.92
CA ALA A 312 -13.45 -8.55 -10.80
C ALA A 312 -12.09 -9.01 -10.29
N LEU A 313 -11.89 -9.02 -8.97
CA LEU A 313 -10.67 -9.57 -8.41
C LEU A 313 -10.57 -11.07 -8.64
N PHE A 314 -11.70 -11.77 -8.59
CA PHE A 314 -11.69 -13.21 -8.86
C PHE A 314 -11.36 -13.49 -10.32
N CYS A 315 -11.83 -12.64 -11.22
CA CYS A 315 -11.51 -12.82 -12.63
C CYS A 315 -10.06 -12.48 -12.91
N ILE A 316 -9.52 -11.49 -12.23
CA ILE A 316 -8.16 -11.06 -12.49
C ILE A 316 -7.15 -12.04 -11.90
N TYR A 317 -7.30 -12.38 -10.62
CA TYR A 317 -6.23 -13.05 -9.90
C TYR A 317 -6.41 -14.56 -9.75
N ASN A 318 -7.62 -15.08 -9.91
CA ASN A 318 -7.81 -16.52 -9.88
C ASN A 318 -7.90 -17.12 -11.27
N LEU A 319 -8.69 -16.52 -12.16
CA LEU A 319 -8.81 -17.02 -13.51
C LEU A 319 -7.72 -16.51 -14.43
N GLY A 320 -6.90 -15.56 -13.97
CA GLY A 320 -5.81 -15.00 -14.76
C GLY A 320 -6.24 -14.27 -16.01
N PHE A 321 -7.24 -13.40 -15.91
CA PHE A 321 -7.82 -12.71 -17.05
C PHE A 321 -7.76 -11.21 -16.85
N ARG A 322 -6.60 -10.69 -16.45
CA ARG A 322 -6.48 -9.26 -16.19
C ARG A 322 -6.48 -8.41 -17.45
N ASN A 323 -6.37 -9.01 -18.63
CA ASN A 323 -6.54 -8.29 -19.87
C ASN A 323 -7.99 -8.25 -20.34
N ASP A 324 -8.80 -9.22 -19.94
CA ASP A 324 -10.18 -9.35 -20.42
C ASP A 324 -11.16 -9.55 -19.27
N PHE A 325 -10.87 -9.02 -18.09
CA PHE A 325 -11.82 -9.11 -16.99
C PHE A 325 -13.04 -8.23 -17.23
N GLN A 326 -12.93 -7.20 -18.05
CA GLN A 326 -14.10 -6.38 -18.37
C GLN A 326 -15.02 -7.06 -19.38
N ASN A 327 -14.47 -7.93 -20.23
CA ASN A 327 -15.30 -8.65 -21.19
C ASN A 327 -16.20 -9.66 -20.50
N VAL A 328 -15.73 -10.25 -19.39
CA VAL A 328 -16.56 -11.16 -18.62
C VAL A 328 -17.73 -10.42 -18.00
N LEU A 329 -17.48 -9.21 -17.48
CA LEU A 329 -18.56 -8.38 -16.93
C LEU A 329 -19.54 -7.96 -18.01
N LEU A 330 -19.03 -7.63 -19.20
CA LEU A 330 -19.90 -7.27 -20.31
C LEU A 330 -20.76 -8.46 -20.75
N VAL A 331 -20.19 -9.66 -20.77
CA VAL A 331 -20.94 -10.86 -21.13
C VAL A 331 -22.01 -11.16 -20.08
N ILE A 332 -21.67 -10.99 -18.79
CA ILE A 332 -22.64 -11.22 -17.72
C ILE A 332 -23.80 -10.23 -17.82
N MET A 333 -23.49 -8.95 -18.04
CA MET A 333 -24.55 -7.94 -18.14
C MET A 333 -25.38 -8.11 -19.41
N LEU A 334 -24.75 -8.53 -20.51
CA LEU A 334 -25.48 -8.78 -21.75
C LEU A 334 -26.42 -9.97 -21.61
N SER A 335 -25.96 -11.04 -20.94
CA SER A 335 -26.82 -12.19 -20.70
C SER A 335 -27.95 -11.85 -19.74
N ALA A 336 -27.67 -11.01 -18.74
CA ALA A 336 -28.72 -10.56 -17.83
C ALA A 336 -29.75 -9.69 -18.54
N THR A 337 -29.30 -8.88 -19.50
CA THR A 337 -30.23 -8.09 -20.29
C THR A 337 -31.08 -8.98 -21.19
N LEU A 338 -30.48 -10.01 -21.79
CA LEU A 338 -31.21 -10.87 -22.72
C LEU A 338 -32.07 -11.92 -22.04
N ALA A 339 -31.81 -12.25 -20.78
CA ALA A 339 -32.56 -13.29 -20.09
C ALA A 339 -33.81 -12.80 -19.39
N ILE A 340 -34.05 -11.49 -19.38
CA ILE A 340 -35.27 -10.96 -18.75
C ILE A 340 -36.55 -11.39 -19.46
N PRO A 341 -36.67 -11.33 -20.81
CA PRO A 341 -37.87 -11.91 -21.43
C PRO A 341 -38.01 -13.40 -21.22
N PHE A 342 -36.90 -14.14 -21.13
CA PHE A 342 -36.97 -15.58 -20.86
C PHE A 342 -37.57 -15.85 -19.49
N TRP A 343 -37.16 -15.11 -18.46
CA TRP A 343 -37.72 -15.33 -17.14
C TRP A 343 -39.13 -14.78 -17.01
N GLN A 344 -39.46 -13.73 -17.77
CA GLN A 344 -40.86 -13.28 -17.81
C GLN A 344 -41.76 -14.34 -18.42
N TRP A 345 -41.32 -14.96 -19.52
CA TRP A 345 -42.07 -16.06 -20.12
C TRP A 345 -42.15 -17.26 -19.17
N PHE A 346 -41.07 -17.52 -18.43
CA PHE A 346 -41.05 -18.65 -17.51
C PHE A 346 -42.01 -18.43 -16.34
N LEU A 347 -42.07 -17.22 -15.80
CA LEU A 347 -43.02 -16.95 -14.73
C LEU A 347 -44.45 -16.88 -15.26
N THR A 348 -44.64 -16.48 -16.51
CA THR A 348 -45.97 -16.49 -17.10
C THR A 348 -46.44 -17.89 -17.43
N LYS A 349 -45.50 -18.83 -17.64
CA LYS A 349 -45.84 -20.17 -18.09
C LYS A 349 -45.87 -21.20 -16.97
N PHE A 350 -44.77 -21.34 -16.23
CA PHE A 350 -44.61 -22.42 -15.26
C PHE A 350 -44.79 -21.93 -13.82
N GLY A 351 -45.62 -20.91 -13.62
CA GLY A 351 -45.89 -20.43 -12.28
C GLY A 351 -44.76 -19.59 -11.74
N LYS A 352 -44.89 -19.24 -10.46
CA LYS A 352 -43.92 -18.41 -9.77
C LYS A 352 -43.03 -19.16 -8.79
N LYS A 353 -43.52 -20.25 -8.20
CA LYS A 353 -42.77 -20.94 -7.16
C LYS A 353 -41.54 -21.65 -7.75
N THR A 354 -41.74 -22.41 -8.83
CA THR A 354 -40.62 -23.12 -9.45
C THR A 354 -39.63 -22.17 -10.09
N ALA A 355 -40.12 -21.04 -10.60
CA ALA A 355 -39.23 -20.05 -11.21
C ALA A 355 -38.28 -19.46 -10.18
N VAL A 356 -38.79 -19.04 -9.03
CA VAL A 356 -37.92 -18.50 -7.99
C VAL A 356 -37.13 -19.60 -7.29
N TYR A 357 -37.57 -20.85 -7.40
CA TYR A 357 -36.77 -21.94 -6.84
C TYR A 357 -35.55 -22.23 -7.70
N ILE A 358 -35.68 -22.15 -9.02
CA ILE A 358 -34.56 -22.57 -9.86
C ILE A 358 -33.71 -21.38 -10.31
N GLY A 359 -34.28 -20.18 -10.36
CA GLY A 359 -33.56 -19.04 -10.89
C GLY A 359 -32.41 -18.58 -10.00
N THR A 360 -32.65 -18.55 -8.68
CA THR A 360 -31.59 -18.15 -7.77
C THR A 360 -30.54 -19.24 -7.60
N THR A 361 -30.93 -20.50 -7.72
CA THR A 361 -30.04 -21.63 -7.49
C THR A 361 -29.39 -22.16 -8.76
N SER A 362 -29.70 -21.58 -9.93
CA SER A 362 -29.03 -21.98 -11.16
C SER A 362 -27.54 -21.66 -11.14
N VAL A 363 -27.14 -20.58 -10.45
CA VAL A 363 -25.74 -20.17 -10.43
C VAL A 363 -24.88 -21.03 -9.52
N VAL A 364 -25.50 -21.83 -8.64
CA VAL A 364 -24.73 -22.60 -7.66
C VAL A 364 -23.81 -23.66 -8.29
N PRO A 365 -24.27 -24.50 -9.24
CA PRO A 365 -23.29 -25.37 -9.93
C PRO A 365 -22.23 -24.60 -10.70
N PHE A 366 -22.57 -23.45 -11.28
CA PHE A 366 -21.57 -22.67 -12.01
C PHE A 366 -20.62 -21.95 -11.07
N LEU A 367 -21.09 -21.52 -9.89
CA LEU A 367 -20.19 -20.98 -8.88
C LEU A 367 -19.27 -22.04 -8.31
N ILE A 368 -19.71 -23.30 -8.30
CA ILE A 368 -18.79 -24.39 -7.98
C ILE A 368 -17.80 -24.60 -9.13
N SER A 369 -18.29 -24.52 -10.37
CA SER A 369 -17.47 -24.84 -11.53
C SER A 369 -16.35 -23.83 -11.76
N VAL A 370 -16.60 -22.55 -11.47
CA VAL A 370 -15.57 -21.53 -11.71
C VAL A 370 -14.38 -21.73 -10.78
N VAL A 371 -14.59 -22.28 -9.59
CA VAL A 371 -13.48 -22.58 -8.70
C VAL A 371 -13.06 -24.04 -8.77
N LEU A 372 -13.73 -24.86 -9.58
CA LEU A 372 -13.34 -26.26 -9.74
C LEU A 372 -12.84 -26.59 -11.14
N VAL A 373 -12.44 -25.59 -11.92
CA VAL A 373 -11.77 -25.84 -13.20
C VAL A 373 -10.44 -25.10 -13.19
N PRO A 374 -9.43 -25.53 -13.99
CA PRO A 374 -8.16 -24.80 -14.09
C PRO A 374 -8.21 -23.56 -14.99
N SER A 375 -9.21 -22.71 -14.78
CA SER A 375 -9.36 -21.39 -15.41
C SER A 375 -9.40 -21.46 -16.94
N SER A 376 -10.24 -22.36 -17.45
CA SER A 376 -10.45 -22.44 -18.89
C SER A 376 -11.28 -21.26 -19.37
N LEU A 377 -10.99 -20.77 -20.57
CA LEU A 377 -11.63 -19.55 -21.06
C LEU A 377 -13.09 -19.79 -21.43
N ALA A 378 -13.36 -20.89 -22.15
CA ALA A 378 -14.72 -21.18 -22.58
C ALA A 378 -15.61 -21.56 -21.40
N VAL A 379 -15.05 -22.23 -20.39
CA VAL A 379 -15.81 -22.55 -19.18
C VAL A 379 -16.20 -21.27 -18.45
N THR A 380 -15.28 -20.30 -18.37
CA THR A 380 -15.59 -19.03 -17.73
C THR A 380 -16.63 -18.24 -18.52
N TYR A 381 -16.58 -18.30 -19.85
CA TYR A 381 -17.58 -17.56 -20.62
C TYR A 381 -18.96 -18.21 -20.54
N ILE A 382 -19.01 -19.55 -20.53
CA ILE A 382 -20.29 -20.26 -20.36
C ILE A 382 -20.86 -19.99 -18.97
N ALA A 383 -20.00 -20.01 -17.95
CA ALA A 383 -20.45 -19.67 -16.60
C ALA A 383 -20.82 -18.21 -16.47
N SER A 384 -20.23 -17.34 -17.30
CA SER A 384 -20.64 -15.94 -17.32
C SER A 384 -22.04 -15.78 -17.90
N PHE A 385 -22.34 -16.53 -18.97
CA PHE A 385 -23.70 -16.52 -19.52
C PHE A 385 -24.71 -17.05 -18.50
N ALA A 386 -24.35 -18.13 -17.80
CA ALA A 386 -25.22 -18.69 -16.76
C ALA A 386 -25.39 -17.72 -15.59
N ALA A 387 -24.32 -17.02 -15.22
CA ALA A 387 -24.41 -16.06 -14.13
C ALA A 387 -25.23 -14.85 -14.53
N GLY A 388 -25.19 -14.46 -15.80
CA GLY A 388 -26.09 -13.40 -16.26
C GLY A 388 -27.55 -13.82 -16.21
N VAL A 389 -27.83 -15.05 -16.62
CA VAL A 389 -29.20 -15.58 -16.53
C VAL A 389 -29.68 -15.61 -15.08
N SER A 390 -28.80 -16.03 -14.16
CA SER A 390 -29.17 -16.09 -12.76
C SER A 390 -29.32 -14.69 -12.15
N VAL A 391 -28.51 -13.72 -12.59
CA VAL A 391 -28.66 -12.34 -12.12
C VAL A 391 -30.01 -11.78 -12.54
N ALA A 392 -30.38 -12.02 -13.80
CA ALA A 392 -31.67 -11.57 -14.32
C ALA A 392 -32.82 -12.21 -13.55
N ALA A 393 -32.70 -13.50 -13.26
CA ALA A 393 -33.72 -14.20 -12.46
C ALA A 393 -33.81 -13.62 -11.05
N ALA A 394 -32.65 -13.41 -10.41
CA ALA A 394 -32.63 -12.99 -9.02
C ALA A 394 -33.16 -11.57 -8.84
N PHE A 395 -32.88 -10.68 -9.79
N PHE A 395 -32.88 -10.68 -9.79
CA PHE A 395 -33.34 -9.31 -9.69
CA PHE A 395 -33.36 -9.32 -9.65
C PHE A 395 -34.63 -9.05 -10.46
C PHE A 395 -34.69 -9.07 -10.36
N LEU A 396 -35.23 -10.07 -11.06
CA LEU A 396 -36.53 -9.93 -11.71
C LEU A 396 -37.66 -10.63 -10.96
N LEU A 397 -37.43 -11.87 -10.51
CA LEU A 397 -38.52 -12.68 -9.98
C LEU A 397 -39.20 -12.19 -8.69
N PRO A 398 -38.50 -11.67 -7.66
CA PRO A 398 -39.24 -11.13 -6.50
C PRO A 398 -40.15 -9.96 -6.80
N TRP A 399 -39.81 -9.13 -7.80
CA TRP A 399 -40.73 -8.09 -8.23
C TRP A 399 -41.97 -8.67 -8.90
N SER A 400 -41.86 -9.87 -9.47
CA SER A 400 -43.05 -10.58 -9.92
C SER A 400 -43.81 -11.19 -8.76
N MET A 401 -43.12 -11.58 -7.69
CA MET A 401 -43.79 -12.14 -6.52
C MET A 401 -44.55 -11.08 -5.74
N LEU A 402 -44.11 -9.82 -5.81
CA LEU A 402 -44.64 -8.75 -4.96
C LEU A 402 -46.16 -8.50 -5.03
N PRO A 403 -46.83 -8.44 -6.20
CA PRO A 403 -48.28 -8.17 -6.16
C PRO A 403 -49.12 -9.23 -5.46
N ASP A 404 -48.68 -10.50 -5.47
CA ASP A 404 -49.37 -11.53 -4.71
C ASP A 404 -49.25 -11.31 -3.21
N VAL A 405 -48.20 -10.62 -2.75
CA VAL A 405 -48.10 -10.26 -1.34
C VAL A 405 -48.83 -8.96 -1.03
N VAL A 406 -48.88 -8.04 -2.00
CA VAL A 406 -49.65 -6.80 -1.82
C VAL A 406 -51.13 -7.11 -1.69
N ASP A 407 -51.64 -8.03 -2.50
CA ASP A 407 -53.04 -8.45 -2.40
C ASP A 407 -53.32 -9.12 -1.06
N ASP A 408 -52.38 -9.95 -0.58
CA ASP A 408 -52.55 -10.62 0.70
C ASP A 408 -52.53 -9.63 1.86
N PHE A 409 -51.68 -8.60 1.78
CA PHE A 409 -51.66 -7.57 2.80
C PHE A 409 -52.91 -6.71 2.76
N LYS A 410 -53.47 -6.50 1.57
CA LYS A 410 -54.75 -5.81 1.46
C LYS A 410 -55.88 -6.62 2.08
N VAL A 411 -55.84 -7.94 1.89
CA VAL A 411 -56.86 -8.81 2.47
C VAL A 411 -56.74 -8.85 4.00
N GLN A 412 -55.51 -9.03 4.50
CA GLN A 412 -55.32 -9.16 5.94
C GLN A 412 -55.49 -7.83 6.65
N ASN A 413 -54.93 -6.75 6.10
CA ASN A 413 -55.07 -5.41 6.68
C ASN A 413 -55.83 -4.51 5.72
N PRO A 414 -57.10 -4.21 5.99
CA PRO A 414 -57.84 -3.27 5.12
C PRO A 414 -57.27 -1.87 5.12
N GLU A 415 -56.71 -1.42 6.25
CA GLU A 415 -56.12 -0.09 6.34
C GLU A 415 -54.64 -0.19 5.97
N SER A 416 -54.27 0.41 4.84
CA SER A 416 -52.90 0.35 4.36
C SER A 416 -52.59 1.63 3.59
N GLN A 417 -51.47 2.26 3.92
CA GLN A 417 -51.03 3.48 3.26
C GLN A 417 -49.52 3.47 3.17
N GLY A 418 -48.99 3.40 1.95
CA GLY A 418 -47.55 3.43 1.76
C GLY A 418 -46.84 2.16 2.16
N HIS A 419 -47.53 1.02 2.18
CA HIS A 419 -46.92 -0.24 2.56
C HIS A 419 -45.85 -0.69 1.56
N GLU A 420 -46.11 -0.51 0.26
CA GLU A 420 -45.13 -0.88 -0.74
C GLU A 420 -43.90 0.03 -0.69
N ALA A 421 -44.11 1.33 -0.44
CA ALA A 421 -43.00 2.25 -0.27
C ALA A 421 -42.17 1.91 0.96
N ILE A 422 -42.84 1.51 2.05
CA ILE A 422 -42.15 1.10 3.27
C ILE A 422 -41.32 -0.16 3.02
N PHE A 423 -41.91 -1.12 2.29
CA PHE A 423 -41.20 -2.35 1.92
C PHE A 423 -39.97 -2.06 1.08
N TYR A 424 -40.12 -1.17 0.08
CA TYR A 424 -39.01 -0.81 -0.79
C TYR A 424 -37.91 -0.08 -0.01
N SER A 425 -38.29 0.83 0.88
CA SER A 425 -37.30 1.54 1.69
C SER A 425 -36.55 0.61 2.63
N PHE A 426 -37.26 -0.33 3.26
CA PHE A 426 -36.62 -1.29 4.15
C PHE A 426 -35.65 -2.19 3.40
N TYR A 427 -36.08 -2.67 2.22
CA TYR A 427 -35.23 -3.51 1.39
C TYR A 427 -33.99 -2.75 0.91
N VAL A 428 -34.17 -1.49 0.50
CA VAL A 428 -33.07 -0.68 0.01
C VAL A 428 -32.05 -0.42 1.12
N PHE A 429 -32.55 -0.03 2.31
CA PHE A 429 -31.67 0.28 3.43
C PHE A 429 -30.88 -0.95 3.87
N PHE A 430 -31.55 -2.09 4.01
CA PHE A 430 -30.83 -3.27 4.49
C PHE A 430 -29.91 -3.86 3.44
N THR A 431 -30.28 -3.80 2.15
CA THR A 431 -29.38 -4.28 1.11
C THR A 431 -28.13 -3.42 1.03
N LYS A 432 -28.28 -2.09 1.06
CA LYS A 432 -27.11 -1.21 0.97
C LYS A 432 -26.21 -1.36 2.20
N PHE A 433 -26.81 -1.42 3.40
CA PHE A 433 -26.00 -1.50 4.61
C PHE A 433 -25.28 -2.84 4.72
N ALA A 434 -26.00 -3.94 4.49
CA ALA A 434 -25.36 -5.25 4.62
C ALA A 434 -24.44 -5.56 3.44
N SER A 435 -24.66 -4.97 2.26
CA SER A 435 -23.69 -5.12 1.19
C SER A 435 -22.42 -4.34 1.49
N GLY A 436 -22.55 -3.19 2.16
CA GLY A 436 -21.38 -2.49 2.65
C GLY A 436 -20.61 -3.29 3.68
N VAL A 437 -21.34 -3.94 4.60
CA VAL A 437 -20.71 -4.82 5.58
C VAL A 437 -19.99 -5.98 4.89
N SER A 438 -20.64 -6.58 3.89
CA SER A 438 -20.04 -7.70 3.18
C SER A 438 -18.79 -7.30 2.41
N LEU A 439 -18.81 -6.14 1.75
CA LEU A 439 -17.63 -5.71 1.00
C LEU A 439 -16.51 -5.26 1.92
N GLY A 440 -16.84 -4.62 3.05
CA GLY A 440 -15.81 -4.28 4.01
C GLY A 440 -15.16 -5.51 4.63
N VAL A 441 -15.96 -6.53 4.95
CA VAL A 441 -15.42 -7.78 5.49
C VAL A 441 -14.60 -8.51 4.44
N SER A 442 -15.03 -8.46 3.18
CA SER A 442 -14.30 -9.13 2.10
C SER A 442 -12.94 -8.48 1.86
N THR A 443 -12.90 -7.14 1.78
CA THR A 443 -11.62 -6.48 1.55
C THR A 443 -10.72 -6.53 2.79
N LEU A 444 -11.30 -6.55 3.99
CA LEU A 444 -10.51 -6.77 5.19
C LEU A 444 -9.95 -8.20 5.23
N SER A 445 -10.71 -9.17 4.72
CA SER A 445 -10.21 -10.52 4.61
C SER A 445 -9.09 -10.63 3.60
N LEU A 446 -9.17 -9.84 2.52
CA LEU A 446 -8.07 -9.77 1.56
C LEU A 446 -6.82 -9.15 2.19
N ASP A 447 -7.01 -8.13 3.03
CA ASP A 447 -5.88 -7.55 3.76
C ASP A 447 -5.27 -8.56 4.72
N PHE A 448 -6.10 -9.32 5.42
N PHE A 448 -6.09 -9.33 5.42
CA PHE A 448 -5.63 -10.34 6.35
CA PHE A 448 -5.57 -10.33 6.35
C PHE A 448 -4.95 -11.50 5.63
C PHE A 448 -4.95 -11.51 5.63
N ALA A 449 -5.38 -11.79 4.40
CA ALA A 449 -4.78 -12.87 3.62
C ALA A 449 -3.49 -12.47 2.94
N GLY A 450 -3.13 -11.19 2.96
CA GLY A 450 -1.90 -10.74 2.35
C GLY A 450 -2.03 -10.39 0.89
N TYR A 451 -3.08 -9.65 0.53
CA TYR A 451 -3.28 -9.24 -0.85
C TYR A 451 -2.24 -8.21 -1.25
N VAL A 452 -1.47 -8.53 -2.27
CA VAL A 452 -0.47 -7.62 -2.81
C VAL A 452 -1.18 -6.53 -3.60
N THR A 453 -0.70 -5.29 -3.48
CA THR A 453 -1.21 -4.21 -4.31
C THR A 453 -0.69 -4.41 -5.74
N ARG A 454 -1.61 -4.59 -6.69
CA ARG A 454 -1.36 -5.17 -8.01
C ARG A 454 -0.76 -6.56 -7.81
N GLY A 455 0.02 -7.05 -8.75
CA GLY A 455 0.77 -8.23 -8.36
C GLY A 455 1.02 -9.34 -9.35
N CYS A 456 0.22 -9.43 -10.42
CA CYS A 456 0.31 -10.43 -11.49
C CYS A 456 0.10 -11.86 -11.01
N THR A 457 -0.22 -12.03 -9.72
CA THR A 457 -0.34 -13.29 -9.00
C THR A 457 -0.81 -12.93 -7.59
N GLN A 458 -1.23 -13.95 -6.86
CA GLN A 458 -1.57 -13.79 -5.45
C GLN A 458 -1.05 -14.99 -4.69
N PRO A 459 -0.75 -14.85 -3.40
CA PRO A 459 -0.36 -16.01 -2.60
C PRO A 459 -1.51 -16.98 -2.41
N GLY A 460 -1.18 -18.14 -1.82
CA GLY A 460 -2.14 -19.21 -1.68
C GLY A 460 -3.30 -18.91 -0.73
N GLU A 461 -3.18 -17.87 0.09
CA GLU A 461 -4.26 -17.48 0.98
C GLU A 461 -5.27 -16.57 0.29
N VAL A 462 -4.78 -15.65 -0.56
CA VAL A 462 -5.66 -14.67 -1.20
C VAL A 462 -6.55 -15.35 -2.24
N LYS A 463 -5.99 -16.29 -3.00
CA LYS A 463 -6.79 -17.03 -3.97
C LYS A 463 -7.84 -17.90 -3.28
N LEU A 464 -7.48 -18.48 -2.12
CA LEU A 464 -8.46 -19.24 -1.35
C LEU A 464 -9.58 -18.35 -0.82
N THR A 465 -9.23 -17.14 -0.34
CA THR A 465 -10.28 -16.22 0.12
C THR A 465 -11.18 -15.77 -1.00
N LEU A 466 -10.62 -15.55 -2.20
CA LEU A 466 -11.45 -15.16 -3.33
C LEU A 466 -12.35 -16.32 -3.80
N LYS A 467 -11.84 -17.55 -3.75
CA LYS A 467 -12.67 -18.70 -4.09
C LYS A 467 -13.78 -18.91 -3.07
N ILE A 468 -13.50 -18.62 -1.79
CA ILE A 468 -14.56 -18.68 -0.78
C ILE A 468 -15.57 -17.54 -0.98
N LEU A 469 -15.09 -16.36 -1.34
CA LEU A 469 -15.95 -15.20 -1.51
C LEU A 469 -16.79 -15.24 -2.78
N VAL A 470 -16.46 -16.10 -3.74
CA VAL A 470 -17.33 -16.31 -4.89
C VAL A 470 -17.97 -17.68 -4.93
N SER A 471 -17.61 -18.59 -4.02
CA SER A 471 -18.13 -19.95 -4.11
C SER A 471 -18.62 -20.54 -2.79
N ALA A 472 -18.34 -19.92 -1.64
CA ALA A 472 -18.83 -20.44 -0.37
C ALA A 472 -19.83 -19.49 0.26
N ALA A 473 -19.46 -18.23 0.45
CA ALA A 473 -20.39 -17.24 0.99
C ALA A 473 -21.58 -16.94 0.08
N PRO A 474 -21.45 -16.73 -1.25
CA PRO A 474 -22.67 -16.57 -2.07
C PRO A 474 -23.56 -17.80 -2.07
N ILE A 475 -22.98 -19.00 -2.05
CA ILE A 475 -23.78 -20.23 -2.02
C ILE A 475 -24.52 -20.34 -0.69
N VAL A 476 -23.86 -19.99 0.41
CA VAL A 476 -24.51 -20.04 1.73
C VAL A 476 -25.64 -19.01 1.82
N LEU A 477 -25.41 -17.79 1.31
CA LEU A 477 -26.46 -16.78 1.34
C LEU A 477 -27.62 -17.14 0.42
N ILE A 478 -27.34 -17.75 -0.74
CA ILE A 478 -28.39 -18.17 -1.65
C ILE A 478 -29.19 -19.33 -1.05
N ILE A 479 -28.51 -20.23 -0.33
CA ILE A 479 -29.20 -21.33 0.36
C ILE A 479 -30.09 -20.79 1.47
N ILE A 480 -29.62 -19.78 2.21
CA ILE A 480 -30.44 -19.14 3.24
C ILE A 480 -31.67 -18.48 2.62
N GLY A 481 -31.49 -17.76 1.51
CA GLY A 481 -32.61 -17.15 0.84
C GLY A 481 -33.60 -18.15 0.28
N LEU A 482 -33.09 -19.27 -0.24
CA LEU A 482 -33.97 -20.34 -0.73
C LEU A 482 -34.76 -20.99 0.40
N LEU A 483 -34.11 -21.22 1.55
CA LEU A 483 -34.81 -21.79 2.69
C LEU A 483 -35.86 -20.84 3.25
N ILE A 484 -35.60 -19.53 3.18
CA ILE A 484 -36.61 -18.55 3.55
C ILE A 484 -37.76 -18.56 2.57
N PHE A 485 -37.45 -18.64 1.26
CA PHE A 485 -38.49 -18.70 0.24
C PHE A 485 -39.28 -20.00 0.27
N ILE A 486 -38.75 -21.06 0.88
CA ILE A 486 -39.50 -22.29 1.07
C ILE A 486 -40.69 -22.05 2.00
N SER A 487 -40.44 -21.35 3.11
CA SER A 487 -41.50 -21.00 4.06
C SER A 487 -42.29 -19.82 3.51
N TYR A 488 -43.10 -20.11 2.49
CA TYR A 488 -43.91 -19.11 1.80
C TYR A 488 -45.38 -19.49 1.93
N PRO A 489 -46.11 -18.93 2.90
CA PRO A 489 -47.50 -19.36 3.12
C PRO A 489 -48.48 -18.92 2.05
N ILE A 490 -48.10 -17.96 1.19
CA ILE A 490 -48.99 -17.56 0.10
C ILE A 490 -49.12 -18.68 -0.93
N ASN A 491 -48.03 -19.44 -1.15
CA ASN A 491 -47.99 -20.61 -2.03
C ASN A 491 -48.36 -20.25 -3.47
N GLU A 492 -47.63 -19.28 -4.01
CA GLU A 492 -47.78 -18.75 -5.38
C GLU A 492 -49.18 -18.16 -5.51
N GLU A 493 -49.92 -18.43 -6.59
CA GLU A 493 -51.24 -17.85 -6.79
C GLU A 493 -52.36 -18.70 -6.18
N LYS A 494 -52.04 -19.91 -5.69
CA LYS A 494 -53.05 -20.89 -5.30
C LYS A 494 -53.95 -20.39 -4.17
N ARG A 495 -53.44 -19.50 -3.32
CA ARG A 495 -54.29 -18.71 -2.44
C ARG A 495 -54.39 -17.25 -2.87
N GLN A 496 -53.37 -16.74 -3.57
CA GLN A 496 -53.27 -15.30 -3.84
C GLN A 496 -54.38 -14.82 -4.75
N GLY A 497 -54.70 -15.59 -5.80
CA GLY A 497 -55.86 -15.28 -6.62
C GLY A 497 -57.16 -15.30 -5.83
N ASN A 498 -57.26 -16.23 -4.87
CA ASN A 498 -58.38 -16.21 -3.93
C ASN A 498 -58.38 -14.93 -3.12
N ARG A 499 -57.19 -14.48 -2.69
CA ARG A 499 -57.07 -13.15 -2.09
C ARG A 499 -57.47 -12.07 -3.08
N LYS A 500 -57.13 -12.25 -4.36
CA LYS A 500 -57.61 -11.35 -5.40
C LYS A 500 -59.13 -11.39 -5.51
N LEU A 501 -59.73 -12.57 -5.25
CA LEU A 501 -61.18 -12.66 -5.15
C LEU A 501 -61.70 -11.80 -4.01
N LEU A 502 -61.00 -11.82 -2.87
CA LEU A 502 -61.34 -10.90 -1.79
C LEU A 502 -61.05 -9.46 -2.17
N ASN A 503 -60.09 -9.24 -3.08
CA ASN A 503 -59.90 -7.91 -3.65
C ASN A 503 -61.10 -7.49 -4.47
N GLU A 504 -61.81 -8.45 -5.08
CA GLU A 504 -63.09 -8.15 -5.68
C GLU A 504 -64.17 -7.93 -4.64
N GLN A 505 -64.02 -8.55 -3.46
CA GLN A 505 -65.02 -8.40 -2.40
C GLN A 505 -64.91 -7.03 -1.75
N ARG A 506 -63.70 -6.57 -1.46
CA ARG A 506 -63.51 -5.28 -0.81
C ARG A 506 -63.39 -4.15 -1.83
N ALA B 1 17.20 -8.86 -11.97
CA ALA B 1 17.27 -7.91 -10.87
C ALA B 1 17.44 -6.49 -11.39
N LEU B 2 16.73 -5.55 -10.77
CA LEU B 2 16.78 -4.16 -11.20
C LEU B 2 18.07 -3.49 -10.71
N ASP B 3 18.32 -2.30 -11.23
CA ASP B 3 19.56 -1.57 -11.01
C ASP B 3 19.25 -0.16 -10.50
N ILE B 4 18.38 -0.08 -9.49
CA ILE B 4 18.06 1.21 -8.87
C ILE B 4 19.31 1.75 -8.17
N ASN B 5 19.47 3.07 -8.20
CA ASN B 5 20.67 3.67 -7.65
C ASN B 5 20.42 5.10 -7.22
N SER B 6 21.29 5.60 -6.35
CA SER B 6 21.32 7.00 -5.97
C SER B 6 22.66 7.56 -6.46
N PRO B 7 22.66 8.54 -7.38
CA PRO B 7 23.93 8.98 -7.99
C PRO B 7 24.88 9.67 -7.04
N GLU B 8 24.40 10.65 -6.27
CA GLU B 8 25.24 11.35 -5.31
C GLU B 8 25.32 10.51 -4.03
N ALA B 9 26.49 9.92 -3.78
CA ALA B 9 26.72 9.22 -2.53
C ALA B 9 26.95 10.18 -1.37
N GLU B 10 27.30 11.43 -1.67
CA GLU B 10 27.43 12.48 -0.67
C GLU B 10 26.69 13.71 -1.16
N LYS B 11 26.10 14.45 -0.22
CA LYS B 11 25.42 15.70 -0.56
C LYS B 11 25.72 16.75 0.49
N ASN B 12 25.70 18.02 0.08
CA ASN B 12 25.96 19.15 0.96
C ASN B 12 24.67 19.93 1.14
N ALA B 13 24.24 20.07 2.39
CA ALA B 13 23.05 20.83 2.75
C ALA B 13 23.17 21.23 4.21
N LYS B 14 22.78 22.47 4.52
CA LYS B 14 22.97 23.01 5.86
C LYS B 14 21.65 23.23 6.60
N GLY B 15 20.76 24.07 6.08
CA GLY B 15 19.47 24.24 6.71
C GLY B 15 18.34 24.56 5.75
N ALA B 16 18.60 24.52 4.45
CA ALA B 16 17.62 25.04 3.50
C ALA B 16 16.71 23.95 2.94
N ARG B 17 17.28 23.01 2.20
CA ARG B 17 16.51 22.03 1.44
C ARG B 17 17.47 21.00 0.87
N ALA B 18 17.01 19.76 0.78
CA ALA B 18 17.76 18.69 0.14
C ALA B 18 16.83 17.91 -0.77
N ARG B 19 17.34 17.51 -1.94
CA ARG B 19 16.58 16.75 -2.94
C ARG B 19 17.40 15.55 -3.34
N ILE B 20 17.23 14.44 -2.63
CA ILE B 20 17.97 13.21 -2.91
C ILE B 20 17.29 12.48 -4.06
N THR B 21 18.05 12.19 -5.12
CA THR B 21 17.50 11.63 -6.34
C THR B 21 17.86 10.15 -6.45
N CYS B 22 16.90 9.36 -6.93
CA CYS B 22 17.06 7.94 -7.20
C CYS B 22 16.62 7.66 -8.63
N ASN B 23 17.35 6.78 -9.31
CA ASN B 23 17.07 6.45 -10.70
C ASN B 23 16.94 4.95 -10.83
N ALA B 24 15.90 4.50 -11.52
CA ALA B 24 15.58 3.09 -11.66
C ALA B 24 15.95 2.59 -13.04
N GLY B 25 16.53 1.39 -13.10
CA GLY B 25 16.88 0.78 -14.37
C GLY B 25 15.70 0.23 -15.15
N ASN B 26 14.51 0.22 -14.55
CA ASN B 26 13.30 -0.28 -15.18
C ASN B 26 12.15 0.61 -14.74
N GLN B 27 11.09 0.64 -15.54
CA GLN B 27 9.89 1.38 -15.19
C GLN B 27 9.21 0.68 -14.03
N VAL B 28 9.36 1.22 -12.82
CA VAL B 28 8.89 0.55 -11.62
C VAL B 28 7.43 0.85 -11.30
N GLY B 29 6.81 1.78 -12.01
CA GLY B 29 5.42 2.11 -11.75
C GLY B 29 5.19 2.76 -10.40
N SER B 30 6.04 3.74 -10.05
CA SER B 30 5.92 4.58 -8.85
C SER B 30 6.00 3.76 -7.56
N ALA B 31 6.74 2.66 -7.59
CA ALA B 31 6.94 1.80 -6.43
C ALA B 31 8.36 1.98 -5.92
N VAL B 32 8.56 3.00 -5.09
CA VAL B 32 9.86 3.29 -4.49
C VAL B 32 9.68 3.54 -3.00
N ALA B 33 10.44 2.81 -2.18
CA ALA B 33 10.48 3.02 -0.74
C ALA B 33 11.76 3.76 -0.38
N TRP B 34 11.65 4.71 0.53
CA TRP B 34 12.77 5.54 0.98
C TRP B 34 13.00 5.29 2.46
N PHE B 35 14.23 4.92 2.81
CA PHE B 35 14.66 4.61 4.16
C PHE B 35 15.67 5.64 4.66
N ASN B 36 15.62 5.91 5.96
CA ASN B 36 16.58 6.77 6.65
C ASN B 36 17.31 5.94 7.69
N GLN B 37 18.64 6.00 7.67
CA GLN B 37 19.47 5.22 8.58
C GLN B 37 20.52 6.12 9.19
N ARG B 38 20.54 6.20 10.47
CA ARG B 38 21.51 6.82 11.35
C ARG B 38 22.58 5.80 11.71
N PRO B 39 23.81 6.22 12.03
CA PRO B 39 24.88 5.24 12.31
C PRO B 39 24.61 4.46 13.58
N GLY B 40 24.84 3.14 13.49
CA GLY B 40 24.57 2.25 14.60
C GLY B 40 23.12 1.84 14.75
N ASP B 41 22.26 2.22 13.82
CA ASP B 41 20.83 1.95 13.90
C ASP B 41 20.35 1.37 12.58
N PRO B 42 19.32 0.52 12.60
CA PRO B 42 18.79 -0.04 11.36
C PRO B 42 18.06 1.01 10.54
N ALA B 43 17.83 0.67 9.27
CA ALA B 43 17.15 1.58 8.36
C ALA B 43 15.70 1.75 8.76
N SER B 44 15.25 2.99 8.87
CA SER B 44 13.90 3.32 9.28
C SER B 44 13.11 3.77 8.07
N LEU B 45 11.91 3.19 7.89
CA LEU B 45 11.10 3.50 6.72
C LEU B 45 10.57 4.92 6.81
N LEU B 46 10.80 5.69 5.75
CA LEU B 46 10.21 7.02 5.63
C LEU B 46 9.05 7.04 4.66
N THR B 47 9.29 6.63 3.42
CA THR B 47 8.31 6.81 2.36
C THR B 47 8.04 5.48 1.68
N TYR B 48 6.79 5.21 1.35
CA TYR B 48 6.45 4.03 0.57
C TYR B 48 5.49 4.42 -0.54
N TRP B 49 5.53 3.66 -1.64
CA TRP B 49 4.84 3.97 -2.90
C TRP B 49 5.19 5.36 -3.41
N ALA B 50 6.44 5.78 -3.17
CA ALA B 50 7.10 6.96 -3.70
C ALA B 50 6.52 8.30 -3.22
N ALA B 51 5.43 8.29 -2.44
CA ALA B 51 4.91 9.55 -1.92
C ALA B 51 4.29 9.51 -0.53
N THR B 52 4.25 8.37 0.15
CA THR B 52 3.40 8.23 1.33
C THR B 52 4.25 8.00 2.57
N GLU B 53 4.10 8.86 3.57
CA GLU B 53 4.88 8.80 4.79
C GLU B 53 4.35 7.72 5.74
N LYS B 54 5.21 7.29 6.66
CA LYS B 54 4.86 6.31 7.70
C LYS B 54 5.32 6.85 9.05
N GLY B 55 4.48 7.65 9.69
CA GLY B 55 4.79 8.21 11.00
C GLY B 55 6.04 9.07 11.05
N VAL B 56 6.25 9.87 10.01
CA VAL B 56 7.47 10.67 9.92
C VAL B 56 7.20 12.16 9.89
N ALA B 57 8.16 12.96 10.36
CA ALA B 57 8.02 14.40 10.36
C ALA B 57 7.59 14.88 8.98
N GLY B 58 6.82 15.97 8.97
CA GLY B 58 6.20 16.46 7.74
C GLY B 58 7.15 17.06 6.73
N LYS B 59 8.42 17.28 7.10
CA LYS B 59 9.38 17.85 6.16
C LYS B 59 9.79 16.86 5.07
N GLN B 60 9.67 15.56 5.33
CA GLN B 60 10.10 14.55 4.36
C GLN B 60 8.97 14.30 3.38
N SER B 61 9.10 14.80 2.16
CA SER B 61 8.16 14.51 1.09
C SER B 61 8.90 13.78 -0.02
N ALA B 62 8.15 13.23 -0.97
CA ALA B 62 8.79 12.50 -2.05
C ALA B 62 7.93 12.56 -3.31
N GLN B 63 8.59 12.65 -4.45
CA GLN B 63 7.95 12.78 -5.76
C GLN B 63 8.58 11.76 -6.70
N GLY B 64 7.95 11.57 -7.86
CA GLY B 64 8.54 10.72 -8.88
C GLY B 64 7.55 9.80 -9.56
N ALA B 65 7.58 9.77 -10.90
CA ALA B 65 6.64 8.97 -11.66
C ALA B 65 7.20 7.59 -11.99
N SER B 66 8.29 7.55 -12.77
CA SER B 66 8.86 6.28 -13.22
C SER B 66 10.29 6.54 -13.66
N THR B 67 11.22 5.70 -13.17
CA THR B 67 12.67 5.76 -13.44
C THR B 67 13.32 7.08 -13.04
N LYS B 68 12.63 7.92 -12.27
CA LYS B 68 13.18 9.19 -11.81
C LYS B 68 12.40 9.58 -10.56
N PHE B 69 13.02 9.46 -9.40
CA PHE B 69 12.36 9.68 -8.13
C PHE B 69 13.18 10.62 -7.27
N SER B 70 12.52 11.31 -6.36
CA SER B 70 13.20 12.28 -5.52
C SER B 70 12.56 12.27 -4.13
N MET B 71 13.39 12.50 -3.13
CA MET B 71 12.93 12.73 -1.76
C MET B 71 13.43 14.09 -1.33
N SER B 72 12.51 14.97 -0.94
CA SER B 72 12.83 16.34 -0.57
C SER B 72 12.64 16.51 0.92
N SER B 73 13.70 16.96 1.59
CA SER B 73 13.63 17.37 2.98
C SER B 73 13.88 18.88 2.99
N ALA B 74 12.79 19.65 3.12
CA ALA B 74 12.86 21.09 3.07
C ALA B 74 13.11 21.73 4.44
N GLY B 75 13.26 20.92 5.48
CA GLY B 75 13.53 21.42 6.80
C GLY B 75 14.71 20.77 7.51
N PRO B 76 15.86 20.55 6.80
CA PRO B 76 16.85 19.59 7.28
C PRO B 76 17.54 19.99 8.58
N GLU B 77 17.27 19.22 9.63
CA GLU B 77 17.79 19.49 10.96
C GLU B 77 19.03 18.64 11.20
N ALA B 78 19.52 18.66 12.44
CA ALA B 78 20.60 17.75 12.83
C ALA B 78 20.25 16.27 12.73
N PRO B 79 19.06 15.77 13.14
CA PRO B 79 18.77 14.35 12.89
C PRO B 79 18.63 13.97 11.42
N SER B 80 18.38 14.92 10.53
CA SER B 80 18.15 14.60 9.12
C SER B 80 19.44 14.42 8.33
N LEU B 81 20.60 14.63 8.93
CA LEU B 81 21.87 14.44 8.25
C LEU B 81 22.33 13.00 8.47
N SER B 82 21.69 12.09 7.75
CA SER B 82 21.94 10.65 7.89
C SER B 82 22.02 10.05 6.49
N SER B 83 21.98 8.72 6.43
CA SER B 83 22.17 8.00 5.17
C SER B 83 20.81 7.55 4.64
N TYR B 84 20.49 7.91 3.41
CA TYR B 84 19.17 7.68 2.84
C TYR B 84 19.27 6.67 1.70
N TRP B 85 18.38 5.69 1.71
CA TRP B 85 18.35 4.61 0.74
C TRP B 85 17.04 4.62 -0.04
N CYS B 86 17.08 4.16 -1.28
CA CYS B 86 15.87 3.97 -2.07
C CYS B 86 15.73 2.50 -2.46
N LEU B 87 14.59 1.92 -2.12
CA LEU B 87 14.23 0.56 -2.48
C LEU B 87 13.21 0.60 -3.61
N LEU B 88 12.98 -0.58 -4.21
CA LEU B 88 11.97 -0.70 -5.24
C LEU B 88 11.19 -1.99 -4.97
N PHE B 89 9.87 -1.96 -5.03
CA PHE B 89 9.06 -3.16 -4.84
C PHE B 89 8.22 -3.40 -6.07
N GLU B 90 8.86 -3.31 -7.24
CA GLU B 90 8.28 -3.67 -8.51
C GLU B 90 8.65 -5.09 -8.92
N LYS B 91 9.89 -5.49 -8.69
CA LYS B 91 10.38 -6.80 -9.11
C LYS B 91 10.59 -7.70 -7.89
N GLY B 92 10.85 -8.97 -8.18
CA GLY B 92 11.05 -9.94 -7.11
C GLY B 92 12.32 -9.71 -6.32
N ALA B 93 13.41 -9.39 -7.00
CA ALA B 93 14.70 -9.17 -6.37
C ALA B 93 14.81 -7.69 -5.99
N PHE B 94 14.75 -7.42 -4.68
CA PHE B 94 14.73 -6.05 -4.19
C PHE B 94 16.13 -5.44 -4.20
N SER B 95 16.20 -4.13 -4.48
CA SER B 95 17.47 -3.46 -4.71
C SER B 95 17.50 -2.11 -4.00
N PHE B 96 18.72 -1.67 -3.65
CA PHE B 96 18.95 -0.44 -2.90
C PHE B 96 20.02 0.39 -3.61
N GLY B 97 20.12 1.67 -3.26
CA GLY B 97 21.15 2.49 -3.89
C GLY B 97 22.23 3.15 -3.04
N GLY B 98 21.90 3.64 -1.85
CA GLY B 98 22.89 4.28 -0.98
C GLY B 98 23.15 5.76 -1.22
N SER B 99 23.00 6.58 -0.18
CA SER B 99 23.28 8.01 -0.25
C SER B 99 23.54 8.53 1.16
N LYS B 100 23.98 9.79 1.25
CA LYS B 100 24.31 10.41 2.53
C LYS B 100 24.29 11.92 2.40
N LEU B 101 23.83 12.60 3.45
CA LEU B 101 23.85 14.07 3.54
C LEU B 101 24.98 14.54 4.45
N ASN B 102 25.50 15.72 4.16
CA ASN B 102 26.57 16.35 4.93
C ASN B 102 26.30 17.84 5.04
N PRO B 103 26.78 18.48 6.11
CA PRO B 103 26.70 19.94 6.20
C PRO B 103 27.74 20.62 5.32
N ARG B 104 27.58 21.92 5.12
CA ARG B 104 28.52 22.65 4.27
C ARG B 104 29.51 23.43 5.13
N GLU B 105 30.80 23.22 4.88
CA GLU B 105 31.82 23.92 5.65
C GLU B 105 32.78 24.64 4.70
N GLY B 106 33.62 25.51 5.26
CA GLY B 106 34.56 26.24 4.43
C GLY B 106 35.64 25.36 3.82
N ALA B 107 36.90 25.73 4.00
CA ALA B 107 37.98 24.95 3.42
C ALA B 107 39.18 25.03 4.37
N GLY B 108 40.33 24.54 3.90
CA GLY B 108 41.57 24.68 4.64
C GLY B 108 42.03 23.40 5.30
N PRO B 109 43.03 22.74 4.71
CA PRO B 109 43.58 21.53 5.30
C PRO B 109 44.75 21.80 6.23
N GLN B 110 45.15 20.74 6.95
CA GLN B 110 46.29 20.77 7.85
C GLN B 110 46.89 19.38 7.88
N ALA B 111 48.22 19.29 7.86
CA ALA B 111 48.89 18.00 7.86
C ALA B 111 50.02 18.00 8.87
N SER B 112 50.34 16.81 9.38
CA SER B 112 51.45 16.64 10.30
C SER B 112 51.96 15.21 10.23
N ILE B 113 53.28 15.07 10.11
CA ILE B 113 53.91 13.75 9.98
C ILE B 113 54.55 13.39 11.31
N LEU B 114 54.49 12.11 11.66
CA LEU B 114 54.98 11.62 12.94
C LEU B 114 55.81 10.36 12.68
N PRO B 115 57.06 10.34 13.14
CA PRO B 115 57.93 9.18 12.89
C PRO B 115 57.57 8.03 13.81
N PRO B 116 58.05 6.81 13.52
CA PRO B 116 57.81 5.69 14.43
C PRO B 116 58.52 5.89 15.76
N SER B 117 57.89 5.37 16.82
CA SER B 117 58.45 5.48 18.15
C SER B 117 59.55 4.43 18.37
N ALA B 118 60.29 4.60 19.45
CA ALA B 118 61.37 3.67 19.77
C ALA B 118 60.84 2.31 20.19
N ASP B 119 59.65 2.25 20.80
CA ASP B 119 59.05 0.97 21.18
C ASP B 119 58.71 0.14 19.95
N LEU B 120 58.18 0.78 18.91
CA LEU B 120 57.88 0.06 17.67
C LEU B 120 59.17 -0.32 16.94
N ASN B 121 60.19 0.53 16.99
CA ASN B 121 61.47 0.22 16.37
C ASN B 121 62.16 -0.95 17.07
N THR B 122 61.95 -1.11 18.37
CA THR B 122 62.49 -2.26 19.09
C THR B 122 61.83 -3.55 18.64
N SER B 123 60.51 -3.55 18.47
CA SER B 123 59.78 -4.77 18.13
C SER B 123 59.59 -4.92 16.62
N GLY B 124 60.67 -4.77 15.86
CA GLY B 124 60.71 -5.13 14.44
C GLY B 124 59.72 -4.45 13.51
N GLY B 125 59.56 -3.14 13.65
CA GLY B 125 58.60 -2.45 12.79
C GLY B 125 58.82 -0.95 12.81
N ALA B 126 58.18 -0.28 11.85
CA ALA B 126 58.27 1.17 11.75
C ALA B 126 57.04 1.68 11.01
N ALA B 127 56.13 2.34 11.73
CA ALA B 127 54.94 2.91 11.12
C ALA B 127 55.01 4.42 11.20
N VAL B 128 55.03 5.07 10.04
CA VAL B 128 55.04 6.53 9.94
C VAL B 128 53.60 7.00 9.76
N VAL B 129 53.16 7.93 10.59
CA VAL B 129 51.75 8.30 10.67
C VAL B 129 51.59 9.74 10.20
N CYS B 130 50.75 9.95 9.19
CA CYS B 130 50.45 11.28 8.68
C CYS B 130 49.01 11.62 9.05
N PHE B 131 48.84 12.71 9.80
CA PHE B 131 47.54 13.14 10.30
C PHE B 131 47.06 14.34 9.51
N LEU B 132 45.77 14.32 9.17
CA LEU B 132 45.11 15.39 8.43
C LEU B 132 43.83 15.71 9.18
N PRO B 133 43.92 16.46 10.28
CA PRO B 133 42.80 16.53 11.24
C PRO B 133 41.61 17.36 10.80
N ASN B 134 41.84 18.46 10.08
CA ASN B 134 40.76 19.39 9.76
C ASN B 134 40.85 19.80 8.30
N TRP B 135 39.88 19.36 7.50
CA TRP B 135 39.73 19.81 6.12
C TRP B 135 38.30 19.54 5.69
N TYR B 136 37.88 20.22 4.61
CA TYR B 136 36.54 20.05 4.05
C TYR B 136 36.65 19.69 2.58
N GLY B 137 35.95 18.62 2.19
CA GLY B 137 35.93 18.14 0.82
C GLY B 137 36.48 16.72 0.74
N ASN B 138 37.33 16.50 -0.25
CA ASN B 138 38.03 15.22 -0.43
C ASN B 138 39.51 15.51 -0.66
N ILE B 139 40.37 14.70 -0.03
CA ILE B 139 41.80 14.95 -0.03
C ILE B 139 42.51 13.67 -0.46
N THR B 140 43.73 13.82 -0.97
CA THR B 140 44.54 12.68 -1.39
C THR B 140 45.91 12.75 -0.76
N VAL B 141 46.41 11.59 -0.32
CA VAL B 141 47.67 11.49 0.41
C VAL B 141 48.63 10.60 -0.37
N GLN B 142 49.85 11.10 -0.58
CA GLN B 142 50.91 10.35 -1.24
C GLN B 142 52.13 10.28 -0.33
N TRP B 143 52.79 9.12 -0.35
CA TRP B 143 53.98 8.89 0.45
C TRP B 143 55.22 8.87 -0.44
N LYS B 144 56.27 9.56 -0.02
CA LYS B 144 57.51 9.67 -0.79
C LYS B 144 58.69 9.27 0.10
N THR B 145 59.19 8.05 -0.09
CA THR B 145 60.47 7.64 0.49
C THR B 145 61.58 7.83 -0.54
N GLU B 146 61.68 9.09 -1.00
CA GLU B 146 62.40 9.54 -2.20
C GLU B 146 61.86 8.91 -3.49
N ALA B 147 60.67 8.29 -3.43
CA ALA B 147 59.96 7.62 -4.52
C ALA B 147 58.54 7.35 -4.04
N PRO B 148 57.55 7.34 -4.94
CA PRO B 148 56.18 7.02 -4.52
C PRO B 148 56.05 5.59 -4.03
N GLN B 149 55.19 5.39 -3.04
CA GLN B 149 54.97 4.08 -2.43
C GLN B 149 53.48 3.77 -2.41
N SER B 150 53.17 2.48 -2.47
CA SER B 150 51.79 2.01 -2.49
C SER B 150 51.58 0.92 -1.45
N GLN B 151 52.17 1.09 -0.27
CA GLN B 151 52.02 0.15 0.83
C GLN B 151 51.42 0.80 2.07
N ALA B 152 50.65 1.88 1.90
CA ALA B 152 50.08 2.63 3.00
C ALA B 152 48.61 2.29 3.20
N ASN B 153 48.17 2.34 4.45
CA ASN B 153 46.79 2.12 4.83
C ASN B 153 46.19 3.41 5.36
N MET B 154 45.03 3.78 4.83
CA MET B 154 44.42 5.08 5.10
C MET B 154 43.05 4.91 5.73
N SER B 155 42.70 5.83 6.63
CA SER B 155 41.41 5.80 7.31
C SER B 155 40.85 7.21 7.42
N TRP B 156 39.52 7.30 7.37
CA TRP B 156 38.82 8.58 7.44
C TRP B 156 37.72 8.49 8.48
N PRO B 157 37.57 9.48 9.36
CA PRO B 157 36.35 9.56 10.18
C PRO B 157 35.19 10.16 9.40
N GLY B 158 34.07 10.38 10.07
CA GLY B 158 32.97 11.09 9.47
C GLY B 158 33.17 12.59 9.52
N GLN B 159 32.10 13.33 9.74
CA GLN B 159 32.19 14.79 9.89
C GLN B 159 32.04 15.14 11.36
N ALA B 160 32.89 16.04 11.84
CA ALA B 160 32.86 16.43 13.24
C ALA B 160 31.58 17.21 13.55
N GLY B 161 31.02 16.96 14.74
CA GLY B 161 29.80 17.62 15.14
C GLY B 161 29.96 19.11 15.35
N ALA B 162 31.12 19.54 15.86
CA ALA B 162 31.36 20.95 16.14
C ALA B 162 32.04 21.66 14.97
N ASN B 163 33.20 21.16 14.55
CA ASN B 163 34.01 21.84 13.54
C ASN B 163 33.47 21.68 12.13
N ALA B 164 32.65 20.64 11.89
CA ALA B 164 32.13 20.27 10.57
C ALA B 164 33.25 20.07 9.54
N ALA B 165 34.33 19.44 9.98
CA ALA B 165 35.50 19.19 9.14
C ALA B 165 35.90 17.73 9.23
N TYR B 166 36.49 17.22 8.15
CA TYR B 166 36.90 15.83 8.08
C TYR B 166 38.36 15.66 8.49
N ALA B 167 38.77 14.41 8.68
CA ALA B 167 40.15 14.07 9.02
C ALA B 167 40.58 12.89 8.17
N MET B 168 41.87 12.55 8.26
CA MET B 168 42.41 11.41 7.53
C MET B 168 43.74 11.00 8.16
N ALA B 169 43.92 9.70 8.37
CA ALA B 169 45.16 9.17 8.91
C ALA B 169 45.76 8.19 7.92
N ALA B 170 47.03 8.40 7.57
CA ALA B 170 47.75 7.53 6.66
C ALA B 170 48.89 6.86 7.43
N VAL B 171 48.92 5.54 7.42
CA VAL B 171 49.94 4.77 8.13
C VAL B 171 50.77 4.04 7.10
N LEU B 172 52.08 4.30 7.12
CA LEU B 172 53.03 3.61 6.25
C LEU B 172 53.83 2.63 7.11
N ALA B 173 53.64 1.34 6.85
CA ALA B 173 54.28 0.28 7.62
C ALA B 173 55.48 -0.24 6.84
N ILE B 174 56.68 -0.06 7.40
CA ILE B 174 57.94 -0.47 6.80
C ILE B 174 58.74 -1.20 7.87
N THR B 175 59.32 -2.35 7.51
CA THR B 175 60.15 -3.10 8.43
C THR B 175 61.48 -2.39 8.66
N LYS B 176 62.22 -2.88 9.67
CA LYS B 176 63.51 -2.28 10.02
C LYS B 176 64.56 -2.50 8.94
N GLY B 177 64.50 -3.64 8.24
CA GLY B 177 65.43 -3.88 7.14
C GLY B 177 65.22 -2.96 5.95
N ASP B 178 63.97 -2.59 5.67
CA ASP B 178 63.65 -1.69 4.58
C ASP B 178 63.61 -0.23 5.03
N TYR B 179 64.17 0.08 6.20
CA TYR B 179 64.06 1.42 6.80
C TYR B 179 65.29 2.27 6.52
N GLY B 180 65.87 2.15 5.32
CA GLY B 180 66.92 3.06 4.92
C GLY B 180 66.79 3.77 3.58
N PRO B 181 65.57 4.21 3.21
CA PRO B 181 65.44 4.78 1.87
C PRO B 181 65.67 6.27 1.79
N GLY B 182 66.09 6.91 2.87
CA GLY B 182 66.42 8.33 2.80
C GLY B 182 65.53 9.16 3.69
N SER B 183 64.68 9.98 3.09
CA SER B 183 63.77 10.79 3.89
C SER B 183 62.33 10.47 3.54
N PHE B 184 61.45 10.58 4.53
CA PHE B 184 60.04 10.24 4.39
C PHE B 184 59.21 11.51 4.31
N THR B 185 58.39 11.62 3.27
CA THR B 185 57.55 12.79 3.06
C THR B 185 56.10 12.37 2.87
N CYS B 186 55.19 13.14 3.46
CA CYS B 186 53.76 12.98 3.28
C CYS B 186 53.24 14.21 2.53
N ASN B 187 52.57 13.96 1.40
CA ASN B 187 52.05 15.02 0.55
C ASN B 187 50.53 14.93 0.49
N ALA B 188 49.87 16.06 0.68
CA ALA B 188 48.42 16.14 0.70
C ALA B 188 47.95 17.08 -0.41
N SER B 189 46.99 16.61 -1.20
CA SER B 189 46.41 17.39 -2.29
C SER B 189 44.93 17.58 -2.01
N ASN B 190 44.51 18.84 -1.85
CA ASN B 190 43.14 19.23 -1.54
C ASN B 190 42.67 20.27 -2.55
N ARG B 191 41.52 20.89 -2.28
CA ARG B 191 41.06 22.04 -3.05
C ARG B 191 41.67 23.31 -2.45
N GLY B 192 42.99 23.44 -2.64
CA GLY B 192 43.73 24.55 -2.09
C GLY B 192 44.79 25.09 -3.05
N THR B 193 44.77 24.55 -4.28
CA THR B 193 45.68 24.93 -5.37
C THR B 193 47.15 24.81 -4.98
N GLY B 194 47.47 23.70 -4.32
CA GLY B 194 48.84 23.43 -3.93
C GLY B 194 48.94 22.32 -2.90
N PRO B 195 49.92 21.45 -3.05
CA PRO B 195 50.09 20.35 -2.09
C PRO B 195 50.80 20.81 -0.83
N PHE B 196 50.48 20.13 0.27
CA PHE B 196 51.11 20.35 1.56
C PHE B 196 52.05 19.18 1.84
N ALA B 197 53.33 19.47 2.05
CA ALA B 197 54.34 18.45 2.24
C ALA B 197 54.93 18.56 3.63
N MET B 198 54.98 17.44 4.35
CA MET B 198 55.63 17.35 5.65
C MET B 198 56.61 16.21 5.61
N SER B 199 57.88 16.48 5.93
CA SER B 199 58.95 15.52 5.74
C SER B 199 59.79 15.38 6.99
N LEU B 200 60.37 14.18 7.16
CA LEU B 200 61.32 13.88 8.21
C LEU B 200 62.48 13.12 7.61
N ASN B 201 63.63 13.23 8.27
CA ASN B 201 64.85 12.54 7.82
C ASN B 201 65.34 11.55 8.87
N ALA C 1 3.87 -3.18 20.27
CA ALA C 1 4.32 -2.88 18.92
C ALA C 1 5.11 -4.04 18.35
N SER C 2 5.19 -4.12 17.02
CA SER C 2 5.95 -5.18 16.39
C SER C 2 7.44 -4.89 16.48
N LYS C 3 8.20 -5.86 16.96
CA LYS C 3 9.63 -5.71 17.10
C LYS C 3 10.31 -7.04 16.79
N LEU C 4 11.59 -6.93 16.38
CA LEU C 4 12.36 -8.11 16.03
C LEU C 4 13.68 -8.05 16.77
N GLU C 5 13.93 -9.02 17.64
CA GLU C 5 15.14 -9.06 18.45
C GLU C 5 16.13 -10.02 17.79
N LEU C 6 17.32 -9.52 17.49
CA LEU C 6 18.34 -10.29 16.80
C LEU C 6 19.46 -10.69 17.76
N SER C 7 20.27 -11.64 17.31
CA SER C 7 21.39 -12.13 18.10
C SER C 7 22.48 -11.08 18.18
N GLY C 8 23.43 -11.32 19.08
CA GLY C 8 24.57 -10.44 19.24
C GLY C 8 25.61 -10.67 18.16
N PRO C 9 26.72 -9.94 18.28
CA PRO C 9 27.83 -10.14 17.34
C PRO C 9 28.45 -11.52 17.48
N ALA C 10 28.92 -12.05 16.36
CA ALA C 10 29.54 -13.36 16.30
C ALA C 10 30.85 -13.26 15.53
N GLU C 11 31.74 -14.21 15.79
CA GLU C 11 33.06 -14.25 15.16
C GLU C 11 33.30 -15.63 14.55
N PRO C 12 32.76 -15.91 13.37
CA PRO C 12 33.10 -17.14 12.66
C PRO C 12 34.52 -17.09 12.14
N ARG C 13 35.08 -18.28 11.91
N ARG C 13 35.08 -18.28 11.91
CA ARG C 13 36.48 -18.42 11.55
CA ARG C 13 36.49 -18.41 11.55
C ARG C 13 36.60 -19.02 10.15
C ARG C 13 36.61 -19.02 10.15
N GLY C 14 36.63 -18.15 9.14
CA GLY C 14 36.94 -18.57 7.79
C GLY C 14 35.88 -19.35 7.05
N SER C 15 35.63 -20.59 7.49
CA SER C 15 34.73 -21.48 6.76
C SER C 15 33.79 -22.23 7.70
N LYS C 16 33.41 -21.60 8.81
CA LYS C 16 32.45 -22.19 9.73
C LYS C 16 31.03 -21.94 9.23
N SER C 17 30.04 -22.16 10.08
CA SER C 17 28.65 -21.81 9.78
C SER C 17 28.12 -20.96 10.92
N ALA C 18 27.45 -19.87 10.58
CA ALA C 18 26.97 -18.92 11.59
C ALA C 18 25.45 -18.84 11.53
N GLN C 19 24.79 -19.03 12.66
CA GLN C 19 23.34 -19.02 12.72
C GLN C 19 22.87 -17.79 13.49
N ILE C 20 21.98 -17.02 12.87
CA ILE C 20 21.49 -15.76 13.41
C ILE C 20 19.99 -15.89 13.64
N THR C 21 19.54 -15.49 14.83
CA THR C 21 18.14 -15.60 15.23
C THR C 21 17.45 -14.24 15.12
N CYS C 22 16.14 -14.27 14.86
CA CYS C 22 15.34 -13.09 14.61
C CYS C 22 13.99 -13.20 15.34
N LYS C 23 14.06 -13.36 16.66
CA LYS C 23 12.85 -13.60 17.46
C LYS C 23 11.90 -12.41 17.40
N ALA C 24 10.72 -12.63 16.82
CA ALA C 24 9.76 -11.58 16.55
C ALA C 24 8.68 -11.51 17.61
N LYS C 25 8.04 -10.34 17.71
CA LYS C 25 6.96 -10.14 18.65
C LYS C 25 6.04 -9.04 18.12
N GLY C 26 4.78 -9.09 18.54
CA GLY C 26 3.80 -8.08 18.20
C GLY C 26 2.96 -8.37 16.98
N PHE C 27 3.29 -9.40 16.21
CA PHE C 27 2.54 -9.73 15.01
C PHE C 27 2.61 -11.23 14.81
N PRO C 28 1.64 -11.82 14.11
CA PRO C 28 1.75 -13.24 13.74
C PRO C 28 2.84 -13.43 12.72
N GLU C 29 3.85 -14.23 13.07
CA GLU C 29 4.99 -14.43 12.19
C GLU C 29 4.61 -15.24 10.96
N ALA C 30 3.58 -16.09 11.07
CA ALA C 30 3.15 -16.92 9.96
C ALA C 30 2.38 -16.16 8.90
N ARG C 31 2.09 -14.87 9.11
CA ARG C 31 1.32 -14.09 8.16
C ARG C 31 2.17 -13.18 7.27
N PHE C 32 3.45 -13.01 7.58
CA PHE C 32 4.27 -12.02 6.88
C PHE C 32 5.58 -12.65 6.43
N TRP C 33 6.15 -12.09 5.36
CA TRP C 33 7.45 -12.51 4.85
C TRP C 33 8.54 -11.83 5.68
N VAL C 34 9.31 -12.62 6.42
CA VAL C 34 10.42 -12.10 7.20
C VAL C 34 11.67 -12.16 6.33
N PHE C 35 12.33 -11.02 6.18
CA PHE C 35 13.40 -10.85 5.22
C PHE C 35 14.77 -10.91 5.89
N TRP C 36 15.81 -10.92 5.06
CA TRP C 36 17.17 -10.77 5.56
C TRP C 36 17.95 -9.86 4.65
N LEU C 37 18.82 -9.05 5.23
CA LEU C 37 19.63 -8.16 4.42
C LEU C 37 21.10 -8.47 4.53
N PHE C 38 21.94 -7.56 4.07
CA PHE C 38 23.38 -7.79 4.08
C PHE C 38 24.04 -6.43 3.86
N GLN C 39 24.42 -5.78 4.95
CA GLN C 39 25.01 -4.45 4.87
C GLN C 39 26.51 -4.53 5.11
N ARG C 40 27.28 -4.15 4.09
CA ARG C 40 28.74 -3.98 4.18
C ARG C 40 29.07 -2.65 4.84
N ALA C 41 30.28 -2.15 4.60
CA ALA C 41 30.68 -0.83 5.08
C ALA C 41 29.69 0.25 4.66
N ALA C 42 29.38 0.33 3.36
CA ALA C 42 28.23 1.11 2.91
C ALA C 42 27.69 0.48 1.61
N ALA C 43 26.74 -0.44 1.77
CA ALA C 43 25.98 -1.07 0.69
C ALA C 43 24.87 -1.92 1.27
N LEU C 44 23.62 -1.75 0.82
CA LEU C 44 22.53 -2.60 1.28
C LEU C 44 22.22 -3.64 0.21
N ASP C 45 22.27 -4.91 0.59
CA ASP C 45 22.01 -6.04 -0.29
C ASP C 45 20.79 -6.79 0.23
N TRP C 46 20.50 -7.94 -0.39
CA TRP C 46 19.32 -8.73 -0.05
C TRP C 46 19.62 -10.20 -0.28
N PRO C 47 19.97 -10.94 0.79
CA PRO C 47 20.04 -12.41 0.68
C PRO C 47 18.74 -13.09 0.30
N ALA C 48 17.69 -12.95 1.11
CA ALA C 48 16.54 -13.81 0.93
C ALA C 48 15.36 -13.30 1.75
N ALA C 49 14.24 -14.01 1.59
CA ALA C 49 13.03 -13.82 2.39
C ALA C 49 12.46 -15.19 2.70
N ASN C 50 11.71 -15.27 3.79
CA ASN C 50 11.12 -16.51 4.26
C ASN C 50 9.69 -16.25 4.70
N PHE C 51 8.75 -17.01 4.15
CA PHE C 51 7.40 -17.04 4.68
C PHE C 51 7.34 -18.14 5.73
N SER C 52 6.98 -17.77 6.96
CA SER C 52 7.06 -18.70 8.08
C SER C 52 6.07 -19.85 8.00
N GLY C 53 5.08 -19.76 7.13
CA GLY C 53 4.19 -20.87 6.87
C GLY C 53 4.35 -21.43 5.47
N GLY C 54 5.58 -21.54 4.99
CA GLY C 54 5.82 -22.04 3.65
C GLY C 54 7.19 -21.73 3.08
N PRO C 55 7.22 -21.16 1.87
CA PRO C 55 8.42 -21.20 1.04
C PRO C 55 9.49 -20.22 1.49
N VAL C 56 10.69 -20.43 0.93
CA VAL C 56 11.84 -19.55 1.13
C VAL C 56 12.34 -19.14 -0.25
N GLN C 57 12.56 -17.84 -0.46
CA GLN C 57 13.02 -17.33 -1.74
C GLN C 57 14.34 -16.60 -1.55
N PHE C 58 15.37 -17.05 -2.27
CA PHE C 58 16.72 -16.51 -2.13
C PHE C 58 17.09 -15.62 -3.31
N GLU C 59 18.17 -14.86 -3.13
CA GLU C 59 18.88 -14.25 -4.24
C GLU C 59 19.76 -15.28 -4.91
N SER C 60 19.94 -15.15 -6.23
CA SER C 60 20.78 -16.08 -6.98
C SER C 60 22.25 -16.02 -6.55
N ARG C 61 22.69 -14.91 -5.94
CA ARG C 61 24.04 -14.84 -5.41
C ARG C 61 24.18 -15.63 -4.12
N PHE C 62 23.15 -15.66 -3.29
CA PHE C 62 23.21 -16.29 -1.98
C PHE C 62 22.61 -17.68 -1.96
N GLN C 63 22.26 -18.24 -3.11
CA GLN C 63 21.76 -19.61 -3.16
C GLN C 63 22.90 -20.58 -2.88
N GLY C 64 22.80 -21.31 -1.77
CA GLY C 64 23.82 -22.21 -1.32
C GLY C 64 24.75 -21.63 -0.28
N ASN C 65 24.81 -20.31 -0.17
CA ASN C 65 25.57 -19.66 0.89
C ASN C 65 24.73 -19.33 2.11
N ALA C 66 23.44 -19.03 1.92
CA ALA C 66 22.51 -18.76 3.00
C ALA C 66 21.41 -19.81 3.00
N SER C 67 20.91 -20.12 4.20
CA SER C 67 19.81 -21.06 4.36
C SER C 67 18.89 -20.53 5.45
N LEU C 68 17.63 -20.30 5.11
CA LEU C 68 16.70 -19.67 6.02
C LEU C 68 15.77 -20.72 6.62
N LYS C 69 15.35 -20.48 7.86
CA LYS C 69 14.48 -21.40 8.56
C LYS C 69 13.56 -20.60 9.47
N GLY C 70 12.43 -21.20 9.82
CA GLY C 70 11.49 -20.52 10.70
C GLY C 70 10.84 -21.45 11.70
N SER C 71 10.79 -21.02 12.95
CA SER C 71 10.12 -21.75 14.03
C SER C 71 8.90 -20.95 14.45
N GLN C 72 7.71 -21.43 14.05
CA GLN C 72 6.46 -20.77 14.43
C GLN C 72 6.02 -21.11 15.84
N ALA C 73 6.62 -22.12 16.47
CA ALA C 73 6.33 -22.41 17.87
C ALA C 73 7.00 -21.42 18.81
N GLN C 74 8.02 -20.72 18.34
CA GLN C 74 8.67 -19.66 19.12
C GLN C 74 8.72 -18.34 18.37
N ALA C 75 8.17 -18.28 17.14
CA ALA C 75 8.15 -17.09 16.28
C ALA C 75 9.56 -16.55 16.03
N ASN C 76 10.47 -17.43 15.67
CA ASN C 76 11.88 -17.09 15.52
C ASN C 76 12.36 -17.48 14.14
N ALA C 77 12.99 -16.53 13.44
CA ALA C 77 13.54 -16.77 12.12
C ALA C 77 15.05 -16.91 12.21
N GLU C 78 15.60 -17.92 11.55
CA GLU C 78 17.02 -18.20 11.57
C GLU C 78 17.62 -18.06 10.18
N LEU C 79 18.79 -17.44 10.11
CA LEU C 79 19.60 -17.38 8.90
C LEU C 79 20.91 -18.11 9.17
N ASN C 80 21.22 -19.10 8.33
CA ASN C 80 22.42 -19.89 8.47
C ASN C 80 23.36 -19.55 7.32
N ILE C 81 24.54 -19.06 7.66
CA ILE C 81 25.54 -18.64 6.69
C ILE C 81 26.60 -19.73 6.61
N GLY C 82 26.88 -20.19 5.38
CA GLY C 82 27.84 -21.24 5.13
C GLY C 82 29.25 -20.69 5.06
N ALA C 83 29.96 -20.96 3.96
CA ALA C 83 31.35 -20.54 3.83
C ALA C 83 31.49 -19.02 3.84
N LEU C 84 32.53 -18.54 4.52
CA LEU C 84 32.69 -17.11 4.78
C LEU C 84 34.04 -16.59 4.30
N GLY C 85 34.38 -15.37 4.72
CA GLY C 85 35.64 -14.75 4.37
C GLY C 85 35.44 -13.33 3.86
N SER C 86 34.35 -13.12 3.12
CA SER C 86 33.93 -11.79 2.72
C SER C 86 32.51 -11.51 3.19
N SER C 87 32.01 -12.30 4.13
CA SER C 87 30.68 -12.16 4.68
C SER C 87 30.66 -11.38 5.99
N THR C 88 31.78 -10.77 6.37
CA THR C 88 31.83 -9.91 7.54
C THR C 88 31.04 -8.64 7.26
N ALA C 89 29.86 -8.53 7.84
CA ALA C 89 28.91 -7.49 7.47
C ALA C 89 27.91 -7.30 8.60
N THR C 90 26.84 -6.56 8.32
CA THR C 90 25.72 -6.41 9.23
C THR C 90 24.47 -6.95 8.56
N TYR C 91 23.74 -7.80 9.26
CA TYR C 91 22.60 -8.51 8.71
C TYR C 91 21.34 -8.01 9.41
N ARG C 92 20.41 -7.47 8.63
CA ARG C 92 19.14 -6.98 9.14
C ARG C 92 18.04 -8.00 8.85
N CYS C 93 16.91 -7.79 9.52
CA CYS C 93 15.83 -8.76 9.53
C CYS C 93 14.48 -8.07 9.36
N GLY C 94 14.34 -7.26 8.30
CA GLY C 94 13.09 -6.58 8.05
C GLY C 94 11.94 -7.54 7.76
N TRP C 95 10.73 -7.03 7.89
CA TRP C 95 9.56 -7.83 7.56
C TRP C 95 8.87 -7.07 6.46
N LYS C 96 8.13 -7.76 5.61
CA LYS C 96 7.51 -7.08 4.47
C LYS C 96 6.03 -6.87 4.62
N LEU C 97 5.58 -5.63 4.50
CA LEU C 97 4.15 -5.36 4.55
C LEU C 97 3.45 -6.38 3.65
N ALA C 98 2.33 -6.91 4.12
CA ALA C 98 1.65 -7.94 3.34
C ALA C 98 0.95 -7.42 2.09
N ASN C 99 1.14 -6.17 1.69
CA ASN C 99 0.57 -5.64 0.46
C ASN C 99 1.60 -4.99 -0.45
N GLY C 100 2.59 -4.31 0.10
CA GLY C 100 3.43 -3.47 -0.72
C GLY C 100 4.74 -4.06 -1.21
N GLY C 101 5.57 -4.54 -0.30
CA GLY C 101 6.92 -4.95 -0.65
C GLY C 101 8.04 -4.18 0.02
N PHE C 102 7.74 -3.28 0.95
CA PHE C 102 8.74 -2.51 1.68
C PHE C 102 8.85 -3.03 3.11
N PHE C 103 9.84 -2.53 3.84
CA PHE C 103 10.19 -3.09 5.15
C PHE C 103 9.97 -2.08 6.26
N PRO C 104 8.86 -2.14 7.01
CA PRO C 104 8.63 -1.18 8.09
C PRO C 104 9.49 -1.38 9.34
N SER C 105 9.62 -2.62 9.83
CA SER C 105 10.30 -2.89 11.09
C SER C 105 11.56 -3.72 10.84
N TRP C 106 12.65 -3.34 11.49
CA TRP C 106 13.97 -3.88 11.21
C TRP C 106 14.67 -4.30 12.50
N GLY C 107 15.78 -5.03 12.34
CA GLY C 107 16.60 -5.47 13.46
C GLY C 107 18.05 -5.01 13.46
N GLY C 108 18.96 -5.94 13.16
CA GLY C 108 20.38 -5.65 13.03
C GLY C 108 21.31 -6.50 13.88
N ALA C 109 22.23 -7.22 13.25
CA ALA C 109 23.21 -8.04 13.95
C ALA C 109 24.52 -8.09 13.17
N ASN C 110 25.64 -7.96 13.87
CA ASN C 110 26.95 -7.89 13.23
C ASN C 110 27.58 -9.27 13.14
N VAL C 111 28.23 -9.56 12.01
CA VAL C 111 28.99 -10.79 11.83
C VAL C 111 30.40 -10.40 11.37
N ASN C 112 31.41 -10.93 12.06
CA ASN C 112 32.81 -10.60 11.78
C ASN C 112 33.57 -11.89 11.51
N GLY C 113 33.73 -12.24 10.24
CA GLY C 113 34.40 -13.47 9.86
C GLY C 113 35.92 -13.35 9.79
N ALA C 114 36.58 -13.31 10.94
CA ALA C 114 38.03 -13.22 11.01
C ALA C 114 38.56 -14.33 11.91
N ALA C 115 39.88 -14.38 12.06
CA ALA C 115 40.54 -15.40 12.87
C ALA C 115 41.63 -14.76 13.72
N GLY C 116 41.72 -15.21 14.97
CA GLY C 116 42.73 -14.74 15.90
C GLY C 116 42.14 -13.82 16.95
N ALA C 117 42.88 -13.70 18.07
CA ALA C 117 42.49 -12.81 19.16
C ALA C 117 43.77 -12.44 19.92
N LYS C 118 44.27 -11.23 19.69
CA LYS C 118 45.53 -10.77 20.24
C LYS C 118 45.33 -9.51 21.06
N ALA C 119 46.34 -9.17 21.84
CA ALA C 119 46.44 -7.99 22.70
C ALA C 119 47.01 -6.80 21.93
N PRO C 120 46.41 -5.61 22.08
CA PRO C 120 46.87 -4.46 21.31
C PRO C 120 48.21 -3.94 21.80
N ALA C 121 48.94 -3.31 20.88
CA ALA C 121 50.22 -2.67 21.18
C ALA C 121 50.06 -1.16 20.97
N VAL C 122 50.52 -0.39 21.95
CA VAL C 122 50.35 1.06 21.95
C VAL C 122 51.71 1.71 21.69
N TYR C 123 51.75 2.62 20.73
CA TYR C 123 52.97 3.35 20.37
C TYR C 123 52.68 4.84 20.46
N PRO C 124 53.38 5.58 21.31
CA PRO C 124 53.16 7.03 21.40
C PRO C 124 53.92 7.80 20.33
N VAL C 125 53.33 7.93 19.14
CA VAL C 125 53.95 8.75 18.10
C VAL C 125 53.86 10.21 18.51
N GLU C 126 55.00 10.91 18.45
CA GLU C 126 55.08 12.29 18.91
C GLU C 126 55.64 13.19 17.82
N ILE C 127 55.93 14.45 18.17
CA ILE C 127 56.47 15.38 17.21
C ILE C 127 57.93 15.03 16.89
N SER C 128 58.41 15.56 15.76
CA SER C 128 59.76 15.27 15.28
C SER C 128 60.70 16.46 15.49
N GLY C 129 60.51 17.21 16.57
CA GLY C 129 61.38 18.32 16.89
C GLY C 129 60.96 19.63 16.27
N ALA C 130 59.66 19.96 16.38
CA ALA C 130 59.15 21.21 15.85
C ALA C 130 57.96 21.65 16.69
N GLY C 131 57.67 22.95 16.62
CA GLY C 131 56.56 23.50 17.38
C GLY C 131 56.22 24.93 17.01
N THR C 132 54.94 25.20 16.78
CA THR C 132 54.46 26.55 16.46
C THR C 132 53.01 26.64 16.92
N GLY C 133 52.80 27.29 18.06
CA GLY C 133 51.47 27.39 18.64
C GLY C 133 50.92 26.06 19.10
N SER C 134 49.89 25.56 18.41
CA SER C 134 49.34 24.25 18.70
C SER C 134 50.16 23.17 18.02
N VAL C 135 50.37 22.07 18.73
CA VAL C 135 51.16 20.96 18.22
C VAL C 135 50.30 19.69 18.26
N THR C 136 50.59 18.76 17.36
CA THR C 136 49.81 17.55 17.19
C THR C 136 50.57 16.37 17.78
N LEU C 137 49.95 15.72 18.77
CA LEU C 137 50.44 14.48 19.34
C LEU C 137 49.57 13.33 18.85
N GLY C 138 50.11 12.12 18.95
CA GLY C 138 49.43 10.96 18.40
C GLY C 138 49.56 9.74 19.28
N CYS C 139 48.75 8.75 18.95
CA CYS C 139 48.74 7.47 19.67
C CYS C 139 48.29 6.39 18.71
N LEU C 140 49.15 5.40 18.46
CA LEU C 140 48.88 4.36 17.47
C LEU C 140 48.65 3.04 18.18
N VAL C 141 47.48 2.44 17.97
CA VAL C 141 47.12 1.16 18.56
C VAL C 141 47.11 0.13 17.44
N LYS C 142 47.98 -0.87 17.53
CA LYS C 142 48.19 -1.81 16.43
C LYS C 142 48.10 -3.24 16.95
N GLY C 143 47.43 -4.10 16.18
CA GLY C 143 47.48 -5.52 16.45
C GLY C 143 46.48 -6.05 17.46
N TYR C 144 45.18 -5.87 17.21
CA TYR C 144 44.14 -6.39 18.09
C TYR C 144 43.00 -6.93 17.25
N ASN C 145 42.05 -7.59 17.90
CA ASN C 145 40.91 -8.20 17.21
C ASN C 145 39.60 -7.93 17.97
N ALA C 146 39.38 -6.68 18.34
CA ALA C 146 38.15 -6.30 19.04
C ALA C 146 37.86 -4.83 18.76
N LYS C 147 36.96 -4.23 19.54
CA LYS C 147 36.63 -2.81 19.43
C LYS C 147 37.09 -2.08 20.68
N PRO C 148 38.15 -1.26 20.61
CA PRO C 148 38.65 -0.59 21.82
C PRO C 148 38.00 0.76 22.03
N ASN C 149 38.38 1.45 23.11
CA ASN C 149 37.85 2.78 23.43
C ASN C 149 39.00 3.64 23.91
N LEU C 150 39.66 4.31 22.97
CA LEU C 150 40.76 5.20 23.31
C LEU C 150 40.25 6.46 23.98
N THR C 151 40.96 6.91 25.01
CA THR C 151 40.54 8.07 25.78
C THR C 151 41.76 8.89 26.17
N TRP C 152 41.50 10.12 26.59
CA TRP C 152 42.51 11.06 27.04
C TRP C 152 42.08 11.66 28.37
N PRO C 153 43.05 12.04 29.24
CA PRO C 153 42.67 12.52 30.58
C PRO C 153 42.03 13.90 30.58
N GLY C 154 40.74 13.96 30.26
CA GLY C 154 39.97 15.19 30.37
C GLY C 154 40.17 16.20 29.26
N ALA C 155 40.89 15.84 28.20
CA ALA C 155 41.13 16.74 27.08
C ALA C 155 40.19 16.39 25.93
N SER C 156 39.44 17.37 25.45
CA SER C 156 38.50 17.18 24.35
C SER C 156 38.99 18.01 23.16
N GLY C 157 39.94 17.43 22.43
CA GLY C 157 40.39 17.96 21.15
C GLY C 157 40.77 16.81 20.25
N ALA C 158 40.46 15.60 20.71
CA ALA C 158 40.97 14.38 20.09
C ALA C 158 40.14 13.97 18.88
N LEU C 159 40.81 13.33 17.93
CA LEU C 159 40.17 12.69 16.80
C LEU C 159 40.67 11.25 16.75
N THR C 160 39.77 10.30 16.94
CA THR C 160 40.10 8.87 16.92
C THR C 160 39.61 8.30 15.60
N PHE C 161 40.54 7.89 14.75
CA PHE C 161 40.22 7.41 13.44
C PHE C 161 39.61 6.00 13.51
N PRO C 162 38.75 5.64 12.56
CA PRO C 162 38.23 4.27 12.54
C PRO C 162 39.34 3.26 12.26
N SER C 163 39.18 2.08 12.86
CA SER C 163 40.18 1.03 12.73
C SER C 163 40.14 0.40 11.35
N GLU C 164 41.27 -0.15 10.94
CA GLU C 164 41.43 -0.74 9.62
C GLU C 164 42.10 -2.09 9.74
N LEU C 165 41.84 -2.96 8.76
CA LEU C 165 42.40 -4.29 8.76
C LEU C 165 43.77 -4.28 8.08
N ASN C 166 44.78 -4.82 8.78
CA ASN C 166 46.15 -4.91 8.26
C ASN C 166 46.59 -6.36 8.43
N GLY C 167 46.29 -7.19 7.44
CA GLY C 167 46.56 -8.61 7.53
C GLY C 167 45.40 -9.35 8.17
N ALA C 168 45.52 -9.64 9.46
CA ALA C 168 44.44 -10.27 10.21
C ALA C 168 44.13 -9.51 11.51
N LEU C 169 44.76 -8.38 11.74
CA LEU C 169 44.58 -7.59 12.95
C LEU C 169 44.13 -6.18 12.58
N TRP C 170 43.87 -5.37 13.60
CA TRP C 170 43.26 -4.06 13.42
C TRP C 170 44.22 -2.97 13.89
N ASN C 171 44.13 -1.82 13.23
CA ASN C 171 44.98 -0.67 13.51
C ASN C 171 44.12 0.57 13.68
N LEU C 172 44.53 1.43 14.60
CA LEU C 172 43.78 2.63 14.95
C LEU C 172 44.78 3.73 15.31
N ALA C 173 44.38 4.97 15.06
CA ALA C 173 45.21 6.11 15.40
C ALA C 173 44.36 7.16 16.11
N SER C 174 45.00 7.95 16.97
CA SER C 174 44.35 9.05 17.65
C SER C 174 45.25 10.28 17.60
N ALA C 175 44.66 11.44 17.33
CA ALA C 175 45.40 12.68 17.16
C ALA C 175 44.84 13.74 18.08
N VAL C 176 45.72 14.46 18.77
CA VAL C 176 45.34 15.54 19.68
C VAL C 176 46.09 16.80 19.29
N THR C 177 45.35 17.87 19.04
CA THR C 177 45.95 19.17 18.74
C THR C 177 45.94 19.99 20.03
N GLY C 178 47.04 19.91 20.77
CA GLY C 178 47.15 20.59 22.05
C GLY C 178 48.08 21.79 21.98
N SER C 179 47.70 22.86 22.67
CA SER C 179 48.50 24.09 22.65
C SER C 179 49.74 23.95 23.52
N GLY C 180 49.52 23.73 24.83
CA GLY C 180 50.65 23.55 25.74
C GLY C 180 50.91 22.08 26.00
N PHE C 181 52.12 21.75 26.43
CA PHE C 181 52.45 20.34 26.64
C PHE C 181 53.18 20.06 27.95
N PRO C 182 52.51 20.28 29.09
CA PRO C 182 53.12 19.90 30.37
C PRO C 182 53.25 18.39 30.53
N SER C 183 52.18 17.67 30.21
CA SER C 183 52.11 16.21 30.32
C SER C 183 50.86 15.69 29.60
N ALA C 184 51.03 14.68 28.75
CA ALA C 184 49.91 14.08 28.05
C ALA C 184 50.13 12.58 27.97
N THR C 185 49.07 11.81 28.22
CA THR C 185 49.14 10.35 28.19
C THR C 185 47.97 9.80 27.40
N CYS C 186 48.20 8.67 26.74
CA CYS C 186 47.21 7.97 25.94
C CYS C 186 46.73 6.75 26.71
N ALA C 187 45.42 6.67 26.94
CA ALA C 187 44.80 5.55 27.62
C ALA C 187 43.84 4.87 26.65
N VAL C 188 43.97 3.56 26.51
CA VAL C 188 43.19 2.81 25.54
C VAL C 188 42.09 2.04 26.26
N GLY C 189 41.20 1.46 25.46
CA GLY C 189 40.09 0.68 25.99
C GLY C 189 40.40 -0.81 25.98
N PHE C 190 39.85 -1.51 24.98
CA PHE C 190 40.04 -2.95 24.77
C PHE C 190 39.59 -3.74 26.00
N GLY C 191 38.27 -3.77 26.18
CA GLY C 191 37.60 -4.44 27.29
C GLY C 191 38.04 -5.86 27.66
N ALA C 192 38.67 -6.55 26.72
CA ALA C 192 39.21 -7.87 27.02
C ALA C 192 40.56 -7.72 27.70
N ALA C 193 40.57 -7.11 28.88
CA ALA C 193 41.82 -6.93 29.63
C ALA C 193 42.90 -6.20 28.83
N THR C 194 44.16 -6.51 29.10
CA THR C 194 45.27 -5.86 28.40
C THR C 194 45.17 -4.34 28.48
N ASP C 195 44.78 -3.82 29.64
CA ASP C 195 44.67 -2.38 29.80
C ASP C 195 46.04 -1.74 29.93
N VAL C 196 46.38 -0.85 29.01
CA VAL C 196 47.69 -0.20 29.03
C VAL C 196 47.52 1.29 28.72
N ASP C 197 48.09 2.13 29.59
CA ASP C 197 48.14 3.57 29.37
C ASP C 197 49.59 4.01 29.32
N LYS C 198 49.95 4.74 28.26
CA LYS C 198 51.33 5.14 28.02
C LYS C 198 51.44 6.65 27.92
N LYS C 199 52.42 7.23 28.60
CA LYS C 199 52.66 8.66 28.49
C LYS C 199 53.32 8.99 27.15
N VAL C 200 53.15 10.24 26.73
CA VAL C 200 53.72 10.73 25.48
C VAL C 200 54.87 11.66 25.84
N ALA C 201 56.09 11.26 25.50
CA ALA C 201 57.28 12.03 25.80
C ALA C 201 57.69 12.84 24.57
N ALA C 202 58.71 13.69 24.76
CA ALA C 202 59.23 14.52 23.70
C ALA C 202 60.31 13.78 22.92
N ALA C 203 60.56 14.27 21.70
CA ALA C 203 61.56 13.73 20.76
C ALA C 203 61.39 12.24 20.48
C01 ZGS D . -34.03 -4.43 -22.99
C02 ZGS D . -34.14 -4.90 -21.52
C03 ZGS D . -35.24 -5.98 -21.42
C04 ZGS D . -35.97 -5.79 -20.33
C05 ZGS D . -36.33 -5.02 -19.05
C06 ZGS D . -37.60 -4.24 -18.68
C07 ZGS D . -38.35 -4.92 -17.83
C08 ZGS D . -39.59 -5.10 -16.95
C09 ZGS D . -39.24 -6.02 -15.78
C10 ZGS D . -40.17 -6.01 -14.86
C11 ZGS D . -41.51 -5.51 -14.29
C12 ZGS D . -42.20 -6.63 -13.52
C13 ZGS D . -42.51 -6.16 -12.10
C14 ZGS D . -43.75 -5.25 -12.10
C15 ZGS D . -44.02 -4.79 -10.67
C16 ZGS D . -45.34 -4.01 -10.62
C17 ZGS D . -45.87 -4.02 -9.16
C18 ZGS D . -47.27 -3.41 -9.10
C21 ZGS D . -47.09 -1.98 -7.24
C22 ZGS D . -48.03 -2.80 -6.36
O19 ZGS D . -48.21 -4.02 -9.50
O20 ZGS D . -47.46 -2.10 -8.59
C1B LMT E . -4.50 13.70 7.48
C2B LMT E . -5.58 14.43 6.71
C3B LMT E . -5.23 15.87 6.44
C4B LMT E . -3.85 16.05 5.83
C5B LMT E . -2.74 15.18 6.42
C6B LMT E . -2.16 15.84 7.64
O1B LMT E . -4.87 12.39 7.57
O2B LMT E . -5.80 13.77 5.46
O3B LMT E . -5.34 16.62 7.66
O4' LMT E . -3.94 15.78 4.43
O5B LMT E . -3.17 13.79 6.77
O6B LMT E . -1.68 17.14 7.28
C1' LMT E . -5.92 9.83 9.37
C2' LMT E . -5.36 10.81 10.40
C3' LMT E . -4.40 11.82 9.87
C4' LMT E . -3.96 11.66 8.43
C5' LMT E . -3.86 10.21 7.94
C6' LMT E . -2.45 9.70 8.24
O1' LMT E . -6.56 8.83 10.01
O2' LMT E . -6.47 11.51 11.02
O3' LMT E . -3.22 11.82 10.71
O5' LMT E . -4.82 9.24 8.51
O6' LMT E . -2.50 8.32 8.57
C1 LMT E . -7.14 7.87 9.13
C2 LMT E . -8.66 7.80 9.37
C3 LMT E . -9.29 6.80 8.36
C4 LMT E . -10.60 6.20 8.93
C5 LMT E . -11.58 7.36 9.31
C6 LMT E . -12.24 7.02 10.67
C7 LMT E . -12.99 5.63 10.59
C8 LMT E . -14.26 5.77 9.71
C9 LMT E . -15.21 6.87 10.35
C10 LMT E . -15.92 7.64 9.23
C11 LMT E . -17.04 8.56 9.84
C12 LMT E . -18.10 8.80 8.81
C1B LMT F . -11.32 -2.47 -27.51
C2B LMT F . -12.12 -3.27 -28.53
C3B LMT F . -11.61 -4.67 -28.78
C4B LMT F . -10.68 -5.24 -27.71
C5B LMT F . -10.97 -4.73 -26.31
C6B LMT F . -9.90 -5.23 -25.39
O1B LMT F . -12.03 -1.33 -27.20
O2B LMT F . -13.48 -3.35 -28.08
O3B LMT F . -10.91 -4.67 -30.03
O4' LMT F . -10.83 -6.68 -27.71
O5B LMT F . -11.04 -3.22 -26.22
O6B LMT F . -9.71 -6.63 -25.60
C1' LMT F . -13.06 1.85 -26.58
C2' LMT F . -13.58 1.06 -27.79
C3' LMT F . -12.49 0.52 -28.63
C4' LMT F . -11.43 -0.20 -27.84
C5' LMT F . -10.82 0.72 -26.76
C6' LMT F . -9.39 1.03 -27.15
O1' LMT F . -13.59 3.11 -26.59
O2' LMT F . -14.37 -0.05 -27.30
O3' LMT F . -11.87 1.62 -29.35
O5' LMT F . -11.55 1.98 -26.59
O6' LMT F . -9.01 2.27 -26.59
C1 LMT F . -15.01 3.20 -26.47
C2 LMT F . -15.44 2.83 -25.05
C3 LMT F . -16.95 2.48 -25.05
C4 LMT F . -17.18 1.17 -25.85
C5 LMT F . -18.68 1.06 -26.28
C6 LMT F . -19.61 1.32 -25.07
C7 LMT F . -20.95 1.97 -25.57
C8 LMT F . -22.15 1.50 -24.68
C9 LMT F . -23.20 0.70 -25.56
C10 LMT F . -22.64 -0.70 -25.90
C11 LMT F . -23.56 -1.80 -25.29
C12 LMT F . -24.83 -1.88 -26.06
C1B LMT G . -5.85 7.40 -24.97
C1B LMT G . -5.91 7.42 -25.01
C2B LMT G . -4.73 6.48 -25.43
C2B LMT G . -4.79 6.50 -25.46
C3B LMT G . -3.56 6.54 -24.49
C3B LMT G . -3.64 6.54 -24.51
C4B LMT G . -3.95 6.17 -23.08
C4B LMT G . -4.06 6.16 -23.10
C5B LMT G . -5.14 6.98 -22.59
C5B LMT G . -5.24 6.98 -22.62
C6B LMT G . -4.75 7.70 -21.33
C6B LMT G . -4.86 7.69 -21.36
O1B LMT G . -7.04 6.70 -24.94
O1B LMT G . -7.10 6.72 -25.01
O2B LMT G . -5.19 5.13 -25.46
O2B LMT G . -5.27 5.16 -25.54
O3B LMT G . -3.03 7.87 -24.50
O3B LMT G . -3.10 7.87 -24.48
O4' LMT G . -4.30 4.78 -23.04
O4' LMT G . -4.43 4.77 -23.09
O5B LMT G . -5.59 7.99 -23.61
O5B LMT G . -5.68 8.00 -23.64
O6B LMT G . -3.50 8.35 -21.53
O6B LMT G . -3.58 8.29 -21.51
C1' LMT G . -10.60 6.61 -25.17
C1' LMT G . -10.64 6.72 -25.16
C2' LMT G . -9.65 5.45 -25.42
C2' LMT G . -9.76 5.53 -25.51
C3' LMT G . -8.63 5.77 -26.45
C3' LMT G . -8.73 5.88 -26.53
C4' LMT G . -7.84 7.00 -26.10
C4' LMT G . -7.91 7.08 -26.14
C5' LMT G . -8.76 8.20 -25.81
C5' LMT G . -8.80 8.28 -25.80
C6' LMT G . -8.45 9.34 -26.78
C6' LMT G . -8.49 9.43 -26.76
O1' LMT G . -11.84 6.26 -25.55
O1' LMT G . -11.92 6.43 -25.51
O2' LMT G . -8.99 5.11 -24.18
O2' LMT G . -9.09 5.08 -24.31
O3' LMT G . -9.30 6.00 -27.73
O3' LMT G . -9.40 6.17 -27.79
O5' LMT G . -10.18 7.87 -25.93
O5' LMT G . -10.23 7.99 -25.89
O6' LMT G . -8.15 8.80 -28.06
O6' LMT G . -8.29 8.91 -28.07
C1 LMT G . -12.87 6.67 -24.67
C1 LMT G . -12.88 6.83 -24.54
C2 LMT G . -13.41 8.04 -25.10
C2 LMT G . -14.16 7.35 -25.24
C3 LMT G . -14.59 7.85 -26.10
C3 LMT G . -13.78 8.41 -26.30
C4 LMT G . -15.68 6.94 -25.48
C4 LMT G . -13.24 9.68 -25.61
C5 LMT G . -16.70 6.53 -26.59
C5 LMT G . -14.42 10.42 -24.88
C6 LMT G . -17.92 7.49 -26.56
C6 LMT G . -14.70 11.77 -25.59
C7 LMT G . -18.57 7.48 -25.12
C7 LMT G . -16.19 11.80 -26.14
C8 LMT G . -19.34 6.14 -24.91
C8 LMT G . -17.19 11.43 -24.99
C9 LMT G . -20.82 6.31 -25.44
C9 LMT G . -18.67 11.71 -25.49
C10 LMT G . -21.57 7.36 -24.60
C10 LMT G . -19.66 11.42 -24.34
C11 LMT G . -23.05 7.50 -25.14
C11 LMT G . -21.10 11.90 -24.76
C12 LMT G . -23.85 6.32 -24.71
C12 LMT G . -21.93 12.11 -23.55
C1B LMT H . -0.83 15.43 -14.22
C2B LMT H . 0.19 15.59 -15.35
C3B LMT H . 1.08 14.38 -15.44
C4B LMT H . 1.76 14.06 -14.13
C5B LMT H . 0.78 13.97 -12.98
C6B LMT H . 1.55 13.86 -11.70
O1B LMT H . -1.65 14.34 -14.49
O2B LMT H . -0.48 15.79 -16.60
O3B LMT H . 2.08 14.63 -16.44
O4' LMT H . 2.44 12.80 -14.26
O5B LMT H . -0.13 15.16 -12.92
O6B LMT H . 2.61 12.90 -11.86
C1' LMT H . -5.52 16.17 -14.64
C2' LMT H . -4.97 15.82 -13.27
C3' LMT H . -3.51 15.48 -13.26
C4' LMT H . -3.08 14.56 -14.39
C5' LMT H . -3.61 15.03 -15.76
C6' LMT H . -3.26 13.99 -16.82
O1' LMT H . -6.88 16.16 -14.58
O2' LMT H . -5.17 16.95 -12.40
O3' LMT H . -3.21 14.83 -11.99
O5' LMT H . -5.06 15.20 -15.73
O6' LMT H . -3.73 14.44 -18.08
C1 LMT H . -7.51 16.09 -15.84
C2 LMT H . -8.46 17.28 -16.02
C3 LMT H . -9.50 17.31 -14.86
C4 LMT H . -10.78 18.08 -15.27
C5 LMT H . -11.28 17.61 -16.67
C6 LMT H . -12.03 16.26 -16.53
C7 LMT H . -12.11 15.56 -17.95
C8 LMT H . -11.31 14.23 -17.93
C9 LMT H . -11.12 13.71 -19.42
C10 LMT H . -12.48 13.55 -20.10
C11 LMT H . -12.28 13.24 -21.63
C12 LMT H . -13.58 13.37 -22.33
C1B LMT I . -3.89 19.35 -1.05
C2B LMT I . -2.59 18.68 -0.64
C3B LMT I . -2.22 19.00 0.78
C4B LMT I . -3.31 18.64 1.76
C5B LMT I . -4.68 19.12 1.32
C6B LMT I . -5.31 19.89 2.44
O1B LMT I . -4.74 18.44 -1.65
O2B LMT I . -2.73 17.26 -0.76
O3B LMT I . -1.96 20.41 0.88
O4' LMT I . -3.35 17.21 1.90
O5B LMT I . -4.60 20.00 0.11
O6B LMT I . -4.62 21.14 2.60
C1' LMT I . -6.14 17.76 -5.58
C2' LMT I . -4.67 17.51 -5.27
C3' LMT I . -4.38 17.50 -3.81
C4' LMT I . -4.92 18.70 -3.06
C5' LMT I . -6.41 18.93 -3.39
C6' LMT I . -6.91 20.26 -2.82
O1' LMT I . -6.26 17.96 -6.91
O2' LMT I . -4.30 16.22 -5.83
O3' LMT I . -2.94 17.46 -3.67
O5' LMT I . -6.67 18.96 -4.83
O6' LMT I . -6.47 21.33 -3.67
C1 LMT I . -7.47 18.59 -7.31
C2 LMT I . -7.50 18.72 -8.85
C3 LMT I . -8.47 17.65 -9.43
C4 LMT I . -8.99 18.13 -10.81
C5 LMT I . -10.15 19.15 -10.58
C6 LMT I . -11.41 18.69 -11.37
C7 LMT I . -12.58 19.74 -11.15
C8 LMT I . -13.52 19.73 -12.39
C9 LMT I . -14.17 18.31 -12.56
C10 LMT I . -14.75 18.18 -13.98
C11 LMT I . -15.26 16.71 -14.20
C12 LMT I . -16.68 16.61 -13.78
C1B LMT J . 0.26 -0.52 8.95
C2B LMT J . 1.53 -1.13 9.48
C3B LMT J . 2.76 -0.45 8.95
C4B LMT J . 2.75 -0.20 7.46
C5B LMT J . 1.43 0.37 6.97
C6B LMT J . 1.41 0.44 5.48
O1B LMT J . 0.13 0.78 9.41
O2B LMT J . 1.53 -1.04 10.91
O3B LMT J . 3.89 -1.28 9.26
O4' LMT J . 3.80 0.70 7.14
O5B LMT J . 0.28 -0.46 7.44
O6B LMT J . 0.11 0.82 5.04
C1' LMT J . -3.63 0.56 11.42
C2' LMT J . -3.66 0.55 9.90
C3' LMT J . -2.35 0.53 9.20
C4' LMT J . -1.18 1.18 9.91
C5' LMT J . -1.20 0.98 11.43
C6' LMT J . -0.12 1.84 12.07
O1' LMT J . -4.80 1.08 11.88
O2' LMT J . -4.37 -0.66 9.48
O3' LMT J . -2.52 1.18 7.92
O5' LMT J . -2.48 1.38 11.99
O6' LMT J . 1.17 1.32 11.75
C1 LMT J . -4.87 2.50 11.81
C2 LMT J . -6.23 2.92 11.24
C3 LMT J . -7.28 3.04 12.39
C4 LMT J . -8.47 3.90 11.92
C5 LMT J . -9.75 3.50 12.71
C6 LMT J . -10.05 1.99 12.48
C7 LMT J . -11.33 1.56 13.32
C8 LMT J . -12.35 0.84 12.38
C9 LMT J . -13.20 1.91 11.59
C10 LMT J . -14.35 1.22 10.85
C11 LMT J . -15.43 2.28 10.43
C12 LMT J . -15.98 2.95 11.63
C1B LMT K . -5.88 -20.81 6.17
C2B LMT K . -5.54 -20.94 7.65
C3B LMT K . -4.42 -21.93 7.87
C4B LMT K . -3.15 -21.63 7.10
C5B LMT K . -3.33 -20.82 5.82
C6B LMT K . -2.30 -21.24 4.82
O1B LMT K . -6.53 -19.63 5.89
O2B LMT K . -5.18 -19.68 8.23
O3B LMT K . -4.89 -23.24 7.48
O4' LMT K . -2.24 -20.92 7.96
O5B LMT K . -4.70 -20.99 5.22
O6B LMT K . -1.41 -20.14 4.58
C1' LMT K . -9.68 -17.72 4.99
C2' LMT K . -8.49 -17.28 5.82
C3' LMT K . -8.21 -18.26 6.90
C4' LMT K . -7.89 -19.64 6.38
C5' LMT K . -8.89 -20.10 5.30
C6' LMT K . -9.45 -21.46 5.66
O1' LMT K . -10.76 -16.98 5.37
O2' LMT K . -7.32 -17.16 4.96
O3' LMT K . -9.37 -18.33 7.77
O5' LMT K . -10.03 -19.19 5.16
O6' LMT K . -10.48 -21.31 6.63
C1 LMT K . -11.75 -16.78 4.38
C2 LMT K . -12.51 -15.47 4.70
C3 LMT K . -13.86 -15.44 3.93
C4 LMT K . -14.80 -14.44 4.65
C5 LMT K . -16.19 -14.41 3.94
C6 LMT K . -16.83 -13.00 4.14
C7 LMT K . -18.32 -12.99 3.60
C8 LMT K . -19.06 -11.76 4.20
C9 LMT K . -20.56 -12.15 4.53
C10 LMT K . -21.13 -11.16 5.56
C11 LMT K . -22.70 -11.13 5.47
C12 LMT K . -23.22 -9.93 6.18
C1B LMT L . -4.38 -26.69 1.46
C2B LMT L . -2.98 -26.37 0.98
C3B LMT L . -2.30 -25.27 1.76
C4B LMT L . -2.85 -25.00 3.15
C5B LMT L . -3.46 -26.21 3.82
C6B LMT L . -4.19 -25.77 5.04
O1B LMT L . -4.89 -27.78 0.77
O2B LMT L . -2.17 -27.55 1.03
O3B LMT L . -2.36 -24.06 1.00
O4' LMT L . -1.80 -24.49 3.98
O5B LMT L . -4.40 -27.00 2.95
O6B LMT L . -3.25 -25.41 6.05
C1' LMT L . -8.17 -25.53 -0.54
C2' LMT L . -8.45 -26.49 0.61
C3' LMT L . -7.21 -27.05 1.19
C4' LMT L . -6.19 -27.57 0.18
C5' LMT L . -6.05 -26.68 -1.07
C6' LMT L . -5.34 -27.47 -2.15
O1' LMT L . -9.36 -25.14 -1.08
O2' LMT L . -9.16 -25.77 1.65
O3' LMT L . -7.58 -28.16 2.07
O5' LMT L . -7.33 -26.20 -1.59
O6' LMT L . -5.64 -26.91 -3.43
C1 LMT L . -9.25 -24.62 -2.39
C2 LMT L . -10.55 -24.93 -3.15
C3 LMT L . -11.71 -24.03 -2.60
C4 LMT L . -12.59 -24.86 -1.64
C5 LMT L . -13.65 -23.92 -0.97
C6 LMT L . -14.44 -23.17 -2.06
C7 LMT L . -15.89 -23.79 -2.20
C8 LMT L . -15.91 -24.87 -3.33
C9 LMT L . -17.39 -25.39 -3.55
C10 LMT L . -18.00 -25.83 -2.21
C11 LMT L . -19.52 -25.43 -2.17
C12 LMT L . -19.94 -25.22 -0.76
C1B LMT M . -47.99 9.28 -32.25
C2B LMT M . -48.76 8.45 -31.23
C3B LMT M . -47.90 7.63 -30.32
C4B LMT M . -46.79 6.83 -31.01
C5B LMT M . -46.38 7.23 -32.41
C6B LMT M . -46.90 6.22 -33.41
O1B LMT M . -47.73 10.57 -31.77
O2B LMT M . -49.57 9.32 -30.43
O3B LMT M . -48.73 6.70 -29.62
O4' LMT M . -45.62 6.95 -30.17
O5B LMT M . -46.75 8.62 -32.83
O6B LMT M . -47.07 6.84 -34.68
C1' LMT M . -43.86 12.16 -30.71
C2' LMT M . -44.16 11.74 -32.15
C3' LMT M . -45.62 11.65 -32.46
C4' LMT M . -46.34 10.82 -31.43
C5' LMT M . -46.21 11.58 -30.10
C6' LMT M . -47.09 10.98 -29.01
O1' LMT M . -42.59 11.79 -30.40
O2' LMT M . -43.55 12.69 -33.06
O3' LMT M . -45.77 11.11 -33.80
O5' LMT M . -44.81 11.57 -29.67
O6' LMT M . -46.77 11.57 -27.76
C1 LMT M . -42.41 10.41 -30.18
C2 LMT M . -40.95 10.01 -30.49
C3 LMT M . -40.05 10.31 -29.25
C4 LMT M . -38.57 10.34 -29.68
C5 LMT M . -37.97 8.90 -29.60
C6 LMT M . -36.67 8.84 -30.43
C7 LMT M . -35.54 9.68 -29.73
C8 LMT M . -34.14 9.14 -30.13
C9 LMT M . -33.73 7.95 -29.15
C10 LMT M . -33.50 8.51 -27.74
C11 LMT M . -33.44 7.32 -26.72
C12 LMT M . -32.12 6.64 -26.83
C1B LMT N . -47.58 3.10 -27.12
C2B LMT N . -49.03 2.89 -27.50
C3B LMT N . -49.95 3.76 -26.69
C4B LMT N . -49.54 5.22 -26.59
C5B LMT N . -48.04 5.47 -26.46
C6B LMT N . -47.63 5.35 -25.02
O1B LMT N . -46.78 2.29 -27.91
O2B LMT N . -49.20 3.20 -28.88
O3B LMT N . -50.09 3.20 -25.37
O4' LMT N . -50.01 5.91 -27.77
O5B LMT N . -47.20 4.56 -27.28
O6B LMT N . -48.59 6.01 -24.19
C1' LMT N . -42.76 2.93 -29.26
C2' LMT N . -43.02 2.67 -27.78
C3' LMT N . -44.40 2.22 -27.42
C4' LMT N . -45.50 2.86 -28.22
C5' LMT N . -45.20 2.67 -29.72
C6' LMT N . -46.33 3.17 -30.60
O1' LMT N . -41.81 3.91 -29.34
O2' LMT N . -42.08 1.66 -27.34
O3' LMT N . -44.58 2.50 -26.01
O5' LMT N . -43.97 3.39 -30.06
O6' LMT N . -45.88 3.32 -31.93
C1 LMT N . -40.78 3.66 -30.27
C2 LMT N . -39.54 3.07 -29.57
C3 LMT N . -39.28 3.79 -28.21
C4 LMT N . -38.81 5.24 -28.49
C5 LMT N . -37.46 5.19 -29.29
C6 LMT N . -36.33 4.65 -28.38
C7 LMT N . -35.14 4.13 -29.27
C8 LMT N . -35.25 2.59 -29.44
C9 LMT N . -34.76 1.88 -28.10
C10 LMT N . -33.31 2.30 -27.81
C11 LMT N . -32.33 1.48 -28.74
C12 LMT N . -30.95 1.57 -28.19
C1B LMT O . -46.24 -7.91 -20.07
C2B LMT O . -47.67 -7.42 -19.81
C3B LMT O . -48.13 -7.81 -18.44
C4B LMT O . -47.22 -7.36 -17.30
C5B LMT O . -45.78 -7.01 -17.66
C6B LMT O . -44.89 -7.44 -16.54
O1B LMT O . -45.76 -7.50 -21.31
O2B LMT O . -47.82 -6.00 -19.97
O3B LMT O . -48.25 -9.23 -18.38
O4' LMT O . -47.81 -6.18 -16.69
O5B LMT O . -45.26 -7.63 -18.93
O6B LMT O . -43.55 -7.03 -16.82
C1' LMT O . -42.49 -5.00 -22.50
C2' LMT O . -42.28 -6.02 -21.38
C3' LMT O . -43.32 -7.08 -21.42
C4' LMT O . -44.71 -6.50 -21.32
C5' LMT O . -44.90 -5.58 -22.54
C6' LMT O . -46.30 -4.98 -22.62
O1' LMT O . -41.64 -3.96 -22.33
O2' LMT O . -40.97 -6.63 -21.50
O3' LMT O . -43.02 -8.01 -20.35
O5' LMT O . -43.92 -4.50 -22.55
O6' LMT O . -46.46 -4.36 -23.89
C1 LMT O . -40.65 -3.87 -23.34
C2 LMT O . -39.65 -2.76 -23.01
C3 LMT O . -38.91 -2.33 -24.31
C4 LMT O . -38.19 -3.55 -24.93
C5 LMT O . -38.22 -3.41 -26.49
C6 LMT O . -37.09 -2.45 -26.92
C7 LMT O . -35.70 -3.03 -26.42
C8 LMT O . -34.54 -2.15 -26.97
C9 LMT O . -33.21 -2.51 -26.20
C10 LMT O . -32.02 -1.78 -26.85
C11 LMT O . -31.71 -2.41 -28.25
C12 LMT O . -31.39 -3.86 -28.09
C1B LMT P . -43.96 15.92 -32.11
C1B LMT P . -44.27 19.27 -24.58
C2B LMT P . -44.33 16.97 -33.15
C2B LMT P . -45.42 19.27 -25.59
C3B LMT P . -45.68 16.76 -33.81
C3B LMT P . -46.40 20.39 -25.46
C4B LMT P . -46.74 16.05 -32.98
C4B LMT P . -45.83 21.69 -24.91
C5B LMT P . -46.45 16.00 -31.49
C5B LMT P . -45.06 21.53 -23.62
C6B LMT P . -47.46 15.11 -30.83
C6B LMT P . -45.93 21.92 -22.47
O1B LMT P . -42.93 16.45 -31.34
O1B LMT P . -43.11 19.63 -25.23
O2B LMT P . -44.29 18.27 -32.56
O2B LMT P . -44.84 19.32 -26.90
O3B LMT P . -45.48 16.01 -35.01
O3B LMT P . -47.49 19.96 -24.61
O4' LMT P . -47.99 16.72 -33.17
O4' LMT P . -44.95 22.27 -25.91
O5B LMT P . -45.07 15.46 -31.20
O5B LMT P . -44.53 20.15 -23.36
O6B LMT P . -48.71 15.81 -30.74
O6B LMT P . -45.68 23.27 -22.09
C1' LMT P . -39.46 14.94 -29.55
C1' LMT P . -39.70 17.89 -25.14
C2' LMT P . -39.66 14.64 -31.02
C2' LMT P . -41.00 17.36 -24.56
C3' LMT P . -40.74 15.47 -31.62
C3' LMT P . -41.67 18.37 -23.71
C4' LMT P . -42.04 15.42 -30.85
C4' LMT P . -41.94 19.69 -24.39
C5' LMT P . -41.84 15.63 -29.34
C5' LMT P . -40.75 20.15 -25.25
C6' LMT P . -43.11 15.29 -28.57
C6' LMT P . -40.48 21.63 -24.98
O1' LMT P . -38.54 14.08 -29.03
O1' LMT P . -38.67 17.25 -24.51
O2' LMT P . -38.42 14.91 -31.73
O2' LMT P . -41.89 17.00 -25.65
O3' LMT P . -40.94 15.00 -32.98
O3' LMT P . -40.83 18.61 -22.54
O5' LMT P . -40.77 14.80 -28.79
O5' LMT P . -39.54 19.38 -24.95
O6' LMT P . -44.07 16.33 -28.75
O6' LMT P . -39.38 22.05 -25.77
C1 LMT P . -37.39 14.72 -28.50
C1 LMT P . -37.38 17.67 -24.91
C2 LMT P . -36.32 13.68 -28.10
C2 LMT P . -36.35 17.18 -23.87
C3 LMT P . -36.83 12.79 -26.91
C3 LMT P . -35.01 17.95 -24.06
C4 LMT P . -35.71 11.85 -26.42
C4 LMT P . -33.96 17.00 -24.67
C5 LMT P . -34.50 12.68 -25.90
C5 LMT P . -33.06 17.78 -25.67
C6 LMT P . -33.18 12.07 -26.44
C6 LMT P . -32.36 18.95 -24.93
C7 LMT P . -31.95 12.92 -25.92
C7 LMT P . -31.26 18.36 -23.95
C8 LMT P . -30.66 12.04 -25.94
C8 LMT P . -30.22 17.53 -24.76
C9 LMT P . -30.58 11.18 -24.61
C9 LMT P . -28.89 17.39 -23.91
C10 LMT P . -29.35 10.27 -24.63
C10 LMT P . -27.70 17.14 -24.87
C11 LMT P . -29.40 9.30 -23.39
C11 LMT P . -27.95 15.79 -25.65
C12 LMT P . -28.02 8.83 -23.08
C12 LMT P . -26.69 15.40 -26.34
C1B LMT Q . -46.57 -1.33 -21.35
C2B LMT Q . -48.06 -1.02 -21.33
C3B LMT Q . -48.81 -1.88 -20.37
C4B LMT Q . -48.22 -1.88 -18.98
C5B LMT Q . -46.72 -2.18 -19.01
C6B LMT Q . -46.45 -3.38 -18.16
O1B LMT Q . -45.87 -0.20 -20.98
O2B LMT Q . -48.25 0.36 -20.95
O3B LMT Q . -48.83 -3.22 -20.87
O4' LMT Q . -48.42 -0.60 -18.38
O5B LMT Q . -46.24 -2.45 -20.40
O6B LMT Q . -46.87 -3.12 -16.81
C1' LMT Q . -43.01 0.21 -24.14
C2' LMT Q . -43.18 -1.13 -23.41
C3' LMT Q . -43.79 -0.98 -22.05
C4' LMT Q . -44.77 0.17 -21.86
C5' LMT Q . -45.31 0.77 -23.17
C6' LMT Q . -46.12 2.03 -22.86
O1' LMT Q . -41.96 0.85 -23.58
O2' LMT Q . -43.98 -2.04 -24.22
O3' LMT Q . -42.70 -0.82 -21.11
O5' LMT Q . -44.24 1.11 -24.11
O6' LMT Q . -47.14 2.18 -23.83
C1 LMT Q . -40.79 0.85 -24.39
C2 LMT Q . -39.56 1.28 -23.57
C3 LMT Q . -38.59 2.10 -24.49
C4 LMT Q . -37.14 1.91 -24.00
C5 LMT Q . -36.40 3.29 -24.03
C6 LMT Q . -34.94 3.10 -24.51
C7 LMT Q . -34.10 4.39 -24.15
C8 LMT Q . -32.76 3.96 -23.47
C9 LMT Q . -31.78 5.20 -23.36
C10 LMT Q . -30.43 4.76 -22.78
C11 LMT Q . -30.03 5.68 -21.58
C12 LMT Q . -28.58 5.51 -21.28
#